data_1R1O
#
_entry.id   1R1O
#
_cell.length_a   88.940
_cell.length_b   88.940
_cell.length_c   112.540
_cell.angle_alpha   90.00
_cell.angle_beta   90.00
_cell.angle_gamma   120.00
#
_symmetry.space_group_name_H-M   'P 32'
#
loop_
_entity.id
_entity.type
_entity.pdbx_description
1 polymer 'Arginase 1'
2 non-polymer 'MANGANESE (II) ION'
3 non-polymer S-[2-(AMINOSULFONYL)ETHYL]-D-CYSTEINE
4 water water
#
_entity_poly.entity_id   1
_entity_poly.type   'polypeptide(L)'
_entity_poly.pdbx_seq_one_letter_code
;MSSKPKPIEIIGAPFSKGQPRGGVEKGPAALRKAGLVEKLKETEYNVRDHGDLAFVDVPNDSPFQIVKNPRSVGKANEQL
AAVVAETQKNGTISVVLGGDHSMAIGSISGHARVHPDLCVIWVDAHTDINTPLTTSSGNLHGQPVAFLLKELKGKFPDVP
GFSWVTPCISAKDIVYIGLRDVDPGEHYIIKTLGIKYFSMTEVDKLGIGKVMEETFSYLLGRKKRPIHLSFDVDGLDPVF
TPATGTPVVGGLSYREGLYITEEIYKTGLLSGLDIMEVNPTLGKTPEEVTRTVNTAVALTLSCFGTKREGNHKPETDYLK
PPK
;
_entity_poly.pdbx_strand_id   A,B,C
#
loop_
_chem_comp.id
_chem_comp.type
_chem_comp.name
_chem_comp.formula
MN non-polymer 'MANGANESE (II) ION' 'Mn 2'
SDC non-polymer S-[2-(AMINOSULFONYL)ETHYL]-D-CYSTEINE 'C5 H12 N2 O4 S2'
#
# COMPACT_ATOMS: atom_id res chain seq x y z
N LYS A 6 -4.55 -25.83 -24.33
CA LYS A 6 -4.58 -24.61 -25.20
C LYS A 6 -3.16 -24.08 -25.46
N PRO A 7 -2.86 -23.68 -26.72
CA PRO A 7 -1.54 -23.15 -27.11
C PRO A 7 -1.29 -21.67 -26.75
N ILE A 8 -0.02 -21.30 -26.66
CA ILE A 8 0.40 -19.91 -26.35
C ILE A 8 1.53 -19.54 -27.32
N GLU A 9 1.52 -18.32 -27.85
CA GLU A 9 2.59 -17.93 -28.76
C GLU A 9 3.19 -16.56 -28.45
N ILE A 10 4.47 -16.56 -28.12
CA ILE A 10 5.20 -15.34 -27.81
C ILE A 10 5.67 -14.67 -29.10
N ILE A 11 5.38 -13.39 -29.20
CA ILE A 11 5.74 -12.62 -30.37
C ILE A 11 6.46 -11.36 -29.95
N GLY A 12 7.76 -11.34 -30.21
CA GLY A 12 8.50 -10.15 -29.85
C GLY A 12 8.23 -9.05 -30.88
N ALA A 13 8.13 -7.82 -30.42
CA ALA A 13 7.91 -6.70 -31.31
C ALA A 13 8.83 -5.58 -30.85
N PRO A 14 10.16 -5.81 -30.90
CA PRO A 14 11.17 -4.82 -30.48
C PRO A 14 11.12 -3.55 -31.29
N PHE A 15 10.04 -2.78 -31.11
CA PHE A 15 9.85 -1.51 -31.82
C PHE A 15 9.92 -0.33 -30.85
N SER A 16 10.34 0.83 -31.33
CA SER A 16 10.42 1.96 -30.43
C SER A 16 10.21 3.35 -31.05
N LYS A 17 9.73 3.41 -32.29
CA LYS A 17 9.48 4.70 -32.93
C LYS A 17 8.12 5.27 -32.50
N GLY A 18 7.50 4.63 -31.51
CA GLY A 18 6.22 5.12 -31.02
C GLY A 18 6.40 6.30 -30.09
N GLN A 19 7.63 6.41 -29.57
CA GLN A 19 8.01 7.46 -28.66
C GLN A 19 9.50 7.81 -28.83
N PRO A 20 9.92 8.99 -28.35
CA PRO A 20 11.30 9.45 -28.47
C PRO A 20 12.43 8.71 -27.74
N ARG A 21 12.16 8.25 -26.52
CA ARG A 21 13.18 7.55 -25.72
C ARG A 21 13.60 6.19 -26.24
N GLY A 22 14.87 6.05 -26.62
CA GLY A 22 15.33 4.78 -27.11
C GLY A 22 15.57 3.78 -26.01
N GLY A 23 15.41 2.50 -26.32
CA GLY A 23 15.64 1.47 -25.32
C GLY A 23 14.61 0.36 -25.29
N VAL A 24 13.35 0.74 -25.48
CA VAL A 24 12.23 -0.19 -25.47
C VAL A 24 12.31 -1.36 -26.45
N GLU A 25 13.02 -1.19 -27.56
CA GLU A 25 13.15 -2.29 -28.50
C GLU A 25 13.93 -3.42 -27.84
N LYS A 26 14.62 -3.07 -26.75
CA LYS A 26 15.39 -4.04 -25.97
C LYS A 26 14.46 -4.70 -24.95
N GLY A 27 13.17 -4.40 -25.06
CA GLY A 27 12.18 -4.94 -24.15
C GLY A 27 12.05 -6.44 -24.20
N PRO A 28 11.49 -6.99 -25.29
CA PRO A 28 11.31 -8.43 -25.46
C PRO A 28 12.57 -9.26 -25.15
N ALA A 29 13.72 -8.69 -25.49
CA ALA A 29 14.99 -9.37 -25.26
C ALA A 29 15.25 -9.59 -23.76
N ALA A 30 14.93 -8.61 -22.94
CA ALA A 30 15.15 -8.75 -21.49
C ALA A 30 14.10 -9.66 -20.85
N LEU A 31 12.86 -9.56 -21.33
CA LEU A 31 11.79 -10.39 -20.80
C LEU A 31 12.13 -11.84 -21.03
N ARG A 32 12.70 -12.15 -22.19
CA ARG A 32 13.08 -13.54 -22.48
C ARG A 32 14.32 -13.87 -21.64
N LYS A 33 15.27 -12.93 -21.57
CA LYS A 33 16.49 -13.13 -20.82
C LYS A 33 16.15 -13.48 -19.37
N ALA A 34 14.98 -13.04 -18.92
CA ALA A 34 14.52 -13.32 -17.56
C ALA A 34 13.75 -14.64 -17.46
N GLY A 35 13.79 -15.42 -18.53
CA GLY A 35 13.12 -16.71 -18.55
C GLY A 35 11.61 -16.73 -18.75
N LEU A 36 11.06 -15.76 -19.47
CA LEU A 36 9.62 -15.72 -19.70
C LEU A 36 9.10 -16.99 -20.39
N VAL A 37 9.82 -17.48 -21.38
CA VAL A 37 9.40 -18.69 -22.07
C VAL A 37 9.48 -19.88 -21.12
N GLU A 38 10.69 -20.25 -20.73
CA GLU A 38 10.95 -21.37 -19.81
C GLU A 38 9.87 -21.49 -18.76
N LYS A 39 9.73 -20.43 -17.97
CA LYS A 39 8.74 -20.40 -16.92
C LYS A 39 7.36 -20.72 -17.46
N LEU A 40 6.97 -20.04 -18.55
CA LEU A 40 5.67 -20.25 -19.16
C LEU A 40 5.45 -21.73 -19.44
N LYS A 41 6.45 -22.36 -20.04
CA LYS A 41 6.32 -23.77 -20.35
C LYS A 41 5.88 -24.58 -19.15
N GLU A 42 6.39 -24.25 -17.96
CA GLU A 42 6.05 -24.99 -16.76
C GLU A 42 4.59 -24.95 -16.33
N THR A 43 3.76 -24.22 -17.07
CA THR A 43 2.33 -24.15 -16.76
C THR A 43 1.57 -25.12 -17.65
N GLU A 44 0.26 -25.20 -17.43
CA GLU A 44 -0.61 -26.09 -18.20
C GLU A 44 -0.86 -25.59 -19.61
N TYR A 45 0.10 -24.87 -20.18
CA TYR A 45 -0.05 -24.34 -21.53
C TYR A 45 1.08 -24.74 -22.48
N ASN A 46 0.74 -24.87 -23.76
CA ASN A 46 1.70 -25.20 -24.79
C ASN A 46 2.36 -23.90 -25.21
N VAL A 47 3.68 -23.83 -25.14
CA VAL A 47 4.36 -22.60 -25.49
C VAL A 47 5.18 -22.71 -26.76
N ARG A 48 5.13 -21.67 -27.58
CA ARG A 48 5.87 -21.66 -28.83
C ARG A 48 6.38 -20.25 -29.12
N ASP A 49 7.70 -20.09 -29.13
CA ASP A 49 8.31 -18.79 -29.38
C ASP A 49 8.44 -18.53 -30.87
N HIS A 50 7.63 -17.60 -31.37
CA HIS A 50 7.63 -17.22 -32.78
C HIS A 50 8.83 -16.34 -33.13
N GLY A 51 9.56 -15.89 -32.10
CA GLY A 51 10.71 -15.03 -32.33
C GLY A 51 10.32 -13.57 -32.40
N ASP A 52 11.29 -12.69 -32.62
CA ASP A 52 11.02 -11.25 -32.73
C ASP A 52 10.84 -10.82 -34.18
N LEU A 53 9.70 -10.20 -34.49
CA LEU A 53 9.44 -9.73 -35.84
C LEU A 53 10.57 -8.77 -36.20
N ALA A 54 10.91 -8.69 -37.48
CA ALA A 54 11.97 -7.78 -37.93
C ALA A 54 11.32 -6.65 -38.71
N PHE A 55 11.49 -5.43 -38.21
CA PHE A 55 10.90 -4.28 -38.86
C PHE A 55 11.86 -3.56 -39.79
N VAL A 56 11.36 -3.21 -40.98
CA VAL A 56 12.16 -2.50 -41.98
C VAL A 56 11.87 -1.01 -41.83
N ASP A 57 12.92 -0.23 -41.55
CA ASP A 57 12.78 1.21 -41.36
C ASP A 57 12.44 1.98 -42.62
N VAL A 58 11.29 2.66 -42.60
CA VAL A 58 10.82 3.47 -43.71
C VAL A 58 11.73 4.69 -43.83
N PRO A 59 12.54 4.75 -44.91
CA PRO A 59 13.45 5.89 -45.10
C PRO A 59 12.69 7.14 -45.51
N ASN A 60 13.16 8.30 -45.02
CA ASN A 60 12.56 9.60 -45.32
C ASN A 60 11.15 9.68 -44.76
N ASP A 61 10.99 9.23 -43.53
CA ASP A 61 9.69 9.23 -42.87
C ASP A 61 9.40 10.59 -42.23
N SER A 62 8.91 11.51 -43.06
CA SER A 62 8.57 12.86 -42.62
C SER A 62 7.42 12.88 -41.64
N PRO A 63 7.44 13.79 -40.67
CA PRO A 63 6.40 13.93 -39.66
C PRO A 63 5.10 14.53 -40.18
N PHE A 64 4.04 13.73 -40.24
CA PHE A 64 2.72 14.14 -40.72
C PHE A 64 2.12 15.22 -39.80
N GLN A 65 2.55 16.47 -39.97
CA GLN A 65 2.11 17.60 -39.15
C GLN A 65 2.89 17.47 -37.85
N ILE A 66 2.25 16.96 -36.79
CA ILE A 66 2.92 16.75 -35.51
C ILE A 66 3.29 15.27 -35.35
N VAL A 67 2.38 14.40 -35.78
CA VAL A 67 2.61 12.96 -35.72
C VAL A 67 3.99 12.61 -36.33
N LYS A 68 4.83 11.97 -35.53
CA LYS A 68 6.18 11.60 -35.95
C LYS A 68 6.31 10.14 -36.36
N ASN A 69 7.22 9.87 -37.28
CA ASN A 69 7.45 8.53 -37.79
C ASN A 69 6.19 7.73 -38.07
N PRO A 70 5.18 8.36 -38.69
CA PRO A 70 3.90 7.72 -39.02
C PRO A 70 4.02 6.47 -39.90
N ARG A 71 4.87 6.55 -40.92
CA ARG A 71 5.06 5.44 -41.85
C ARG A 71 5.82 4.26 -41.24
N SER A 72 6.78 4.55 -40.36
CA SER A 72 7.55 3.48 -39.72
C SER A 72 6.64 2.73 -38.76
N VAL A 73 5.77 3.47 -38.09
CA VAL A 73 4.85 2.89 -37.13
C VAL A 73 3.66 2.22 -37.82
N GLY A 74 3.21 2.79 -38.93
CA GLY A 74 2.09 2.22 -39.64
C GLY A 74 2.50 0.91 -40.29
N LYS A 75 3.75 0.83 -40.70
CA LYS A 75 4.27 -0.36 -41.36
C LYS A 75 4.61 -1.44 -40.32
N ALA A 76 5.12 -1.00 -39.19
CA ALA A 76 5.48 -1.93 -38.11
C ALA A 76 4.21 -2.61 -37.61
N ASN A 77 3.19 -1.81 -37.33
CA ASN A 77 1.94 -2.35 -36.86
C ASN A 77 1.21 -3.18 -37.91
N GLU A 78 1.37 -2.81 -39.19
CA GLU A 78 0.73 -3.57 -40.26
C GLU A 78 1.30 -5.00 -40.27
N GLN A 79 2.62 -5.09 -40.20
CA GLN A 79 3.33 -6.35 -40.18
C GLN A 79 2.85 -7.24 -39.03
N LEU A 80 2.82 -6.69 -37.82
CA LEU A 80 2.40 -7.42 -36.63
C LEU A 80 0.97 -7.92 -36.71
N ALA A 81 0.03 -7.01 -36.96
CA ALA A 81 -1.38 -7.37 -37.04
C ALA A 81 -1.54 -8.65 -37.85
N ALA A 82 -0.76 -8.75 -38.93
CA ALA A 82 -0.80 -9.90 -39.82
C ALA A 82 -0.40 -11.15 -39.06
N VAL A 83 0.71 -11.08 -38.33
CA VAL A 83 1.23 -12.21 -37.56
C VAL A 83 0.28 -12.60 -36.44
N VAL A 84 -0.27 -11.62 -35.73
CA VAL A 84 -1.19 -11.89 -34.63
C VAL A 84 -2.45 -12.58 -35.12
N ALA A 85 -2.97 -12.13 -36.27
CA ALA A 85 -4.18 -12.72 -36.86
C ALA A 85 -3.91 -14.19 -37.17
N GLU A 86 -2.71 -14.47 -37.67
CA GLU A 86 -2.29 -15.81 -38.05
C GLU A 86 -2.31 -16.81 -36.91
N THR A 87 -1.67 -16.47 -35.79
CA THR A 87 -1.64 -17.37 -34.65
C THR A 87 -3.00 -17.42 -34.00
N GLN A 88 -3.77 -16.34 -34.10
CA GLN A 88 -5.12 -16.33 -33.55
C GLN A 88 -5.94 -17.31 -34.37
N LYS A 89 -5.74 -17.26 -35.69
CA LYS A 89 -6.41 -18.13 -36.66
C LYS A 89 -6.29 -19.60 -36.26
N ASN A 90 -5.06 -20.04 -36.02
CA ASN A 90 -4.79 -21.43 -35.67
C ASN A 90 -5.28 -21.84 -34.29
N GLY A 91 -6.02 -20.94 -33.62
CA GLY A 91 -6.55 -21.25 -32.29
C GLY A 91 -5.61 -21.16 -31.09
N THR A 92 -4.60 -20.28 -31.16
CA THR A 92 -3.65 -20.13 -30.06
C THR A 92 -3.78 -18.74 -29.44
N ILE A 93 -3.22 -18.56 -28.24
CA ILE A 93 -3.27 -17.26 -27.57
C ILE A 93 -2.00 -16.49 -27.94
N SER A 94 -2.17 -15.28 -28.45
CA SER A 94 -1.03 -14.47 -28.83
C SER A 94 -0.53 -13.59 -27.67
N VAL A 95 0.78 -13.67 -27.39
CA VAL A 95 1.36 -12.86 -26.34
C VAL A 95 2.42 -11.97 -26.97
N VAL A 96 2.14 -10.67 -26.96
CA VAL A 96 3.05 -9.73 -27.56
C VAL A 96 3.94 -9.01 -26.54
N LEU A 97 5.23 -9.34 -26.55
CA LEU A 97 6.21 -8.69 -25.68
C LEU A 97 6.60 -7.53 -26.57
N GLY A 98 7.07 -6.42 -26.01
CA GLY A 98 7.41 -5.37 -26.94
C GLY A 98 8.07 -4.09 -26.49
N GLY A 99 8.14 -3.18 -27.44
CA GLY A 99 8.70 -1.87 -27.22
C GLY A 99 7.53 -1.02 -26.83
N ASP A 100 7.41 0.19 -27.38
CA ASP A 100 6.32 1.08 -27.00
C ASP A 100 4.94 0.46 -27.12
N HIS A 101 3.94 1.21 -26.67
CA HIS A 101 2.53 0.80 -26.67
C HIS A 101 1.82 1.10 -28.01
N SER A 102 2.51 1.73 -28.95
CA SER A 102 1.89 2.03 -30.22
C SER A 102 1.65 0.74 -30.98
N MET A 103 2.40 -0.30 -30.64
CA MET A 103 2.24 -1.59 -31.30
C MET A 103 0.91 -2.26 -30.97
N ALA A 104 0.17 -1.65 -30.05
CA ALA A 104 -1.13 -2.18 -29.64
C ALA A 104 -2.09 -2.05 -30.81
N ILE A 105 -1.86 -1.04 -31.65
CA ILE A 105 -2.69 -0.83 -32.82
C ILE A 105 -2.66 -2.11 -33.65
N GLY A 106 -1.47 -2.63 -33.90
CA GLY A 106 -1.37 -3.85 -34.68
C GLY A 106 -1.84 -5.09 -33.97
N SER A 107 -1.49 -5.23 -32.69
CA SER A 107 -1.88 -6.40 -31.92
C SER A 107 -3.39 -6.54 -31.83
N ILE A 108 -4.08 -5.49 -31.37
CA ILE A 108 -5.54 -5.54 -31.23
C ILE A 108 -6.24 -5.69 -32.57
N SER A 109 -5.64 -5.18 -33.65
CA SER A 109 -6.21 -5.30 -34.99
C SER A 109 -6.17 -6.75 -35.47
N GLY A 110 -4.97 -7.31 -35.53
CA GLY A 110 -4.82 -8.68 -35.96
C GLY A 110 -5.76 -9.57 -35.17
N HIS A 111 -5.89 -9.29 -33.88
CA HIS A 111 -6.76 -10.07 -33.01
C HIS A 111 -8.24 -9.91 -33.41
N ALA A 112 -8.69 -8.67 -33.52
CA ALA A 112 -10.06 -8.36 -33.88
C ALA A 112 -10.54 -9.12 -35.11
N ARG A 113 -9.66 -9.27 -36.09
CA ARG A 113 -10.01 -9.97 -37.33
C ARG A 113 -10.58 -11.34 -36.99
N VAL A 114 -9.75 -12.20 -36.37
CA VAL A 114 -10.16 -13.55 -36.00
C VAL A 114 -11.29 -13.54 -34.96
N HIS A 115 -11.33 -12.53 -34.10
CA HIS A 115 -12.39 -12.43 -33.09
C HIS A 115 -12.90 -11.01 -33.07
N PRO A 116 -13.89 -10.71 -33.93
CA PRO A 116 -14.46 -9.37 -34.00
C PRO A 116 -15.32 -8.97 -32.82
N ASP A 117 -15.54 -9.89 -31.89
CA ASP A 117 -16.39 -9.61 -30.73
C ASP A 117 -15.65 -9.46 -29.41
N LEU A 118 -14.31 -9.40 -29.50
CA LEU A 118 -13.50 -9.25 -28.30
C LEU A 118 -13.68 -7.88 -27.65
N CYS A 119 -13.36 -7.83 -26.36
CA CYS A 119 -13.40 -6.60 -25.58
C CYS A 119 -11.98 -6.36 -25.08
N VAL A 120 -11.70 -5.12 -24.70
CA VAL A 120 -10.37 -4.79 -24.23
C VAL A 120 -10.31 -4.22 -22.84
N ILE A 121 -9.48 -4.86 -22.01
CA ILE A 121 -9.23 -4.38 -20.65
C ILE A 121 -7.85 -3.70 -20.81
N TRP A 122 -7.81 -2.40 -20.58
CA TRP A 122 -6.59 -1.62 -20.75
C TRP A 122 -5.99 -1.09 -19.43
N VAL A 123 -5.04 -1.85 -18.88
CA VAL A 123 -4.37 -1.47 -17.64
C VAL A 123 -3.23 -0.52 -18.02
N ASP A 124 -3.43 0.76 -17.73
CA ASP A 124 -2.44 1.76 -18.07
C ASP A 124 -2.66 2.99 -17.16
N ALA A 125 -1.66 3.86 -17.05
CA ALA A 125 -1.78 5.07 -16.24
C ALA A 125 -2.35 6.17 -17.11
N HIS A 126 -2.18 5.95 -18.42
CA HIS A 126 -2.62 6.86 -19.48
C HIS A 126 -3.72 6.24 -20.35
N THR A 127 -4.48 7.09 -21.02
CA THR A 127 -5.54 6.60 -21.86
C THR A 127 -5.02 6.22 -23.25
N ASP A 128 -4.06 6.99 -23.76
CA ASP A 128 -3.49 6.74 -25.09
C ASP A 128 -4.61 6.84 -26.11
N ILE A 129 -5.42 7.86 -25.98
CA ILE A 129 -6.55 8.04 -26.87
C ILE A 129 -6.49 9.43 -27.53
N ASN A 130 -5.27 9.92 -27.67
CA ASN A 130 -5.01 11.21 -28.31
C ASN A 130 -5.10 10.98 -29.81
N THR A 131 -5.78 11.87 -30.53
CA THR A 131 -5.90 11.75 -31.97
C THR A 131 -4.77 12.57 -32.58
N PRO A 132 -4.37 12.26 -33.81
CA PRO A 132 -3.29 13.02 -34.46
C PRO A 132 -3.53 14.51 -34.36
N LEU A 133 -4.75 14.87 -33.98
CA LEU A 133 -5.16 16.27 -33.82
C LEU A 133 -5.06 16.78 -32.39
N THR A 134 -5.02 15.88 -31.40
CA THR A 134 -4.93 16.34 -30.03
C THR A 134 -3.61 16.06 -29.32
N THR A 135 -2.70 15.34 -29.96
CA THR A 135 -1.42 15.10 -29.30
C THR A 135 -0.71 16.45 -29.21
N SER A 136 0.24 16.54 -28.29
CA SER A 136 1.01 17.77 -28.10
C SER A 136 2.44 17.40 -28.37
N SER A 137 2.67 16.11 -28.60
CA SER A 137 3.98 15.61 -28.84
C SER A 137 4.07 14.87 -30.17
N GLY A 138 2.92 14.40 -30.66
CA GLY A 138 2.90 13.69 -31.92
C GLY A 138 3.34 12.24 -31.75
N ASN A 139 3.92 11.93 -30.59
CA ASN A 139 4.35 10.55 -30.34
C ASN A 139 3.12 9.65 -30.41
N LEU A 140 3.21 8.67 -31.29
CA LEU A 140 2.13 7.74 -31.54
C LEU A 140 1.80 6.75 -30.41
N HIS A 141 2.78 6.44 -29.57
CA HIS A 141 2.51 5.49 -28.49
C HIS A 141 1.43 6.02 -27.55
N GLY A 142 0.94 7.23 -27.80
CA GLY A 142 -0.09 7.80 -26.96
C GLY A 142 -1.38 8.03 -27.73
N GLN A 143 -1.52 7.32 -28.85
CA GLN A 143 -2.71 7.45 -29.70
C GLN A 143 -3.33 6.12 -30.17
N PRO A 144 -2.73 4.97 -29.78
CA PRO A 144 -3.28 3.67 -30.20
C PRO A 144 -4.80 3.56 -30.21
N VAL A 145 -5.41 3.76 -29.06
CA VAL A 145 -6.87 3.65 -28.96
C VAL A 145 -7.59 4.52 -30.00
N ALA A 146 -6.99 5.65 -30.35
CA ALA A 146 -7.61 6.54 -31.33
C ALA A 146 -7.82 5.87 -32.69
N PHE A 147 -6.85 5.07 -33.13
CA PHE A 147 -6.94 4.39 -34.41
C PHE A 147 -7.85 3.18 -34.37
N LEU A 148 -7.96 2.55 -33.21
CA LEU A 148 -8.77 1.34 -33.07
C LEU A 148 -10.25 1.60 -32.78
N LEU A 149 -10.56 2.76 -32.21
CA LEU A 149 -11.94 3.06 -31.91
C LEU A 149 -12.77 3.39 -33.15
N LYS A 150 -14.03 2.95 -33.12
CA LYS A 150 -14.97 3.18 -34.20
C LYS A 150 -15.49 4.60 -34.17
N GLU A 151 -15.94 5.03 -32.99
CA GLU A 151 -16.48 6.38 -32.79
C GLU A 151 -15.50 7.47 -33.19
N LEU A 152 -14.21 7.20 -33.05
CA LEU A 152 -13.20 8.18 -33.43
C LEU A 152 -12.84 8.05 -34.90
N LYS A 153 -13.75 7.47 -35.68
CA LYS A 153 -13.53 7.28 -37.11
C LYS A 153 -13.71 8.58 -37.87
N GLY A 154 -12.73 8.88 -38.71
CA GLY A 154 -12.80 10.10 -39.50
C GLY A 154 -13.02 11.34 -38.67
N LYS A 155 -12.43 11.37 -37.48
CA LYS A 155 -12.53 12.53 -36.62
C LYS A 155 -11.18 13.21 -36.70
N PHE A 156 -10.27 12.58 -37.44
CA PHE A 156 -8.93 13.09 -37.64
C PHE A 156 -8.42 12.70 -39.03
N PRO A 157 -7.57 13.53 -39.65
CA PRO A 157 -7.03 13.26 -40.97
C PRO A 157 -6.29 11.91 -41.08
N ASP A 158 -6.29 11.33 -42.28
CA ASP A 158 -5.63 10.04 -42.49
C ASP A 158 -4.12 10.20 -42.39
N VAL A 159 -3.48 9.20 -41.81
CA VAL A 159 -2.05 9.24 -41.61
C VAL A 159 -1.28 8.33 -42.54
N PRO A 160 -0.07 8.74 -42.93
CA PRO A 160 0.82 7.99 -43.83
C PRO A 160 1.22 6.60 -43.34
N GLY A 161 0.50 5.56 -43.78
CA GLY A 161 0.83 4.21 -43.39
C GLY A 161 -0.20 3.45 -42.58
N PHE A 162 -1.22 4.13 -42.07
CA PHE A 162 -2.24 3.47 -41.29
C PHE A 162 -3.48 3.18 -42.09
N SER A 163 -3.41 3.39 -43.40
CA SER A 163 -4.54 3.14 -44.29
C SER A 163 -5.17 1.76 -44.04
N TRP A 164 -4.31 0.75 -43.89
CA TRP A 164 -4.69 -0.64 -43.65
C TRP A 164 -5.53 -0.89 -42.39
N VAL A 165 -5.61 0.08 -41.50
CA VAL A 165 -6.38 -0.11 -40.27
C VAL A 165 -7.87 0.12 -40.40
N THR A 166 -8.63 -0.62 -39.61
CA THR A 166 -10.08 -0.52 -39.62
C THR A 166 -10.58 -0.41 -38.19
N PRO A 167 -11.22 0.72 -37.84
CA PRO A 167 -11.73 0.87 -36.47
C PRO A 167 -12.64 -0.31 -36.15
N CYS A 168 -12.05 -1.32 -35.51
CA CYS A 168 -12.77 -2.55 -35.19
C CYS A 168 -13.57 -2.64 -33.89
N ILE A 169 -13.17 -1.90 -32.86
CA ILE A 169 -13.91 -1.95 -31.60
C ILE A 169 -14.54 -0.61 -31.24
N SER A 170 -15.62 -0.64 -30.47
CA SER A 170 -16.30 0.58 -30.06
C SER A 170 -15.98 0.92 -28.61
N ALA A 171 -16.43 2.09 -28.17
CA ALA A 171 -16.16 2.53 -26.82
C ALA A 171 -16.93 1.78 -25.73
N LYS A 172 -17.74 0.80 -26.11
CA LYS A 172 -18.50 0.04 -25.12
C LYS A 172 -17.93 -1.36 -24.97
N ASP A 173 -16.74 -1.56 -25.52
CA ASP A 173 -16.07 -2.85 -25.44
C ASP A 173 -14.69 -2.71 -24.81
N ILE A 174 -14.34 -1.51 -24.38
CA ILE A 174 -13.06 -1.21 -23.76
C ILE A 174 -13.24 -0.76 -22.31
N VAL A 175 -12.27 -1.09 -21.46
CA VAL A 175 -12.30 -0.67 -20.05
C VAL A 175 -10.90 -0.30 -19.56
N TYR A 176 -10.81 0.84 -18.89
CA TYR A 176 -9.55 1.35 -18.35
C TYR A 176 -9.43 1.08 -16.85
N ILE A 177 -8.22 0.75 -16.42
CA ILE A 177 -7.95 0.50 -15.00
C ILE A 177 -6.53 0.98 -14.70
N GLY A 178 -6.41 2.03 -13.91
CA GLY A 178 -5.09 2.54 -13.56
C GLY A 178 -4.83 4.00 -13.90
N LEU A 179 -5.74 4.58 -14.68
CA LEU A 179 -5.65 5.97 -15.11
C LEU A 179 -5.38 6.92 -13.97
N ARG A 180 -4.42 7.82 -14.19
CA ARG A 180 -4.05 8.81 -13.18
C ARG A 180 -3.34 10.00 -13.82
N ASP A 181 -3.10 9.94 -15.12
CA ASP A 181 -2.46 11.04 -15.83
C ASP A 181 -3.13 11.21 -17.21
N VAL A 182 -4.23 11.93 -17.24
CA VAL A 182 -4.96 12.10 -18.48
C VAL A 182 -4.94 13.52 -18.99
N ASP A 183 -4.64 13.69 -20.28
CA ASP A 183 -4.61 15.02 -20.88
C ASP A 183 -6.00 15.62 -20.93
N PRO A 184 -6.06 16.94 -21.11
CA PRO A 184 -7.38 17.57 -21.18
C PRO A 184 -8.23 16.94 -22.29
N GLY A 185 -7.70 16.93 -23.51
CA GLY A 185 -8.41 16.36 -24.63
C GLY A 185 -8.80 14.91 -24.43
N GLU A 186 -7.83 14.09 -24.00
CA GLU A 186 -8.07 12.68 -23.73
C GLU A 186 -9.27 12.52 -22.80
N HIS A 187 -9.33 13.37 -21.77
CA HIS A 187 -10.44 13.30 -20.82
C HIS A 187 -11.76 13.65 -21.50
N TYR A 188 -11.70 14.61 -22.41
CA TYR A 188 -12.86 15.07 -23.16
C TYR A 188 -13.43 13.87 -23.94
N ILE A 189 -12.57 13.27 -24.76
CA ILE A 189 -12.95 12.11 -25.55
C ILE A 189 -13.58 10.97 -24.75
N ILE A 190 -13.00 10.62 -23.60
CA ILE A 190 -13.53 9.51 -22.79
C ILE A 190 -14.82 9.84 -22.05
N LYS A 191 -15.10 11.13 -21.89
CA LYS A 191 -16.31 11.59 -21.23
C LYS A 191 -17.37 11.74 -22.31
N THR A 192 -16.92 12.12 -23.51
CA THR A 192 -17.80 12.29 -24.66
C THR A 192 -18.34 10.97 -25.14
N LEU A 193 -17.44 10.00 -25.31
CA LEU A 193 -17.81 8.67 -25.78
C LEU A 193 -18.28 7.73 -24.68
N GLY A 194 -18.62 8.24 -23.52
CA GLY A 194 -19.08 7.37 -22.45
C GLY A 194 -18.29 6.08 -22.28
N ILE A 195 -16.96 6.19 -22.31
CA ILE A 195 -16.06 5.05 -22.14
C ILE A 195 -16.01 4.67 -20.65
N LYS A 196 -15.94 3.37 -20.37
CA LYS A 196 -15.91 2.87 -18.98
C LYS A 196 -14.47 2.80 -18.48
N TYR A 197 -14.24 3.31 -17.28
CA TYR A 197 -12.90 3.29 -16.74
C TYR A 197 -12.88 3.38 -15.22
N PHE A 198 -11.73 3.04 -14.65
CA PHE A 198 -11.50 3.09 -13.22
C PHE A 198 -10.17 3.80 -13.02
N SER A 199 -10.25 5.04 -12.57
CA SER A 199 -9.05 5.83 -12.36
C SER A 199 -8.54 5.44 -10.98
N MET A 200 -7.31 5.82 -10.67
CA MET A 200 -6.75 5.47 -9.37
C MET A 200 -7.70 5.89 -8.26
N THR A 201 -8.49 6.94 -8.49
CA THR A 201 -9.41 7.38 -7.44
C THR A 201 -10.51 6.33 -7.24
N GLU A 202 -11.04 5.79 -8.34
CA GLU A 202 -12.07 4.75 -8.22
C GLU A 202 -11.45 3.52 -7.57
N VAL A 203 -10.27 3.11 -8.05
CA VAL A 203 -9.58 1.96 -7.47
C VAL A 203 -9.46 2.17 -5.97
N ASP A 204 -9.21 3.42 -5.56
CA ASP A 204 -9.07 3.76 -4.15
C ASP A 204 -10.37 3.66 -3.41
N LYS A 205 -11.41 4.23 -3.97
CA LYS A 205 -12.73 4.17 -3.35
C LYS A 205 -13.26 2.75 -3.27
N LEU A 206 -13.26 2.06 -4.41
CA LEU A 206 -13.78 0.69 -4.53
C LEU A 206 -12.97 -0.51 -4.06
N GLY A 207 -11.65 -0.46 -4.24
CA GLY A 207 -10.84 -1.61 -3.86
C GLY A 207 -10.66 -2.36 -5.17
N ILE A 208 -9.54 -3.05 -5.35
CA ILE A 208 -9.31 -3.74 -6.61
C ILE A 208 -10.26 -4.86 -6.84
N GLY A 209 -10.65 -5.55 -5.77
CA GLY A 209 -11.58 -6.65 -5.90
C GLY A 209 -12.87 -6.22 -6.59
N LYS A 210 -13.50 -5.19 -6.07
CA LYS A 210 -14.75 -4.69 -6.62
C LYS A 210 -14.54 -4.16 -8.02
N VAL A 211 -13.36 -3.61 -8.29
CA VAL A 211 -13.07 -3.06 -9.61
C VAL A 211 -13.22 -4.16 -10.64
N MET A 212 -12.45 -5.22 -10.48
CA MET A 212 -12.50 -6.33 -11.42
C MET A 212 -13.90 -6.88 -11.55
N GLU A 213 -14.62 -6.92 -10.43
CA GLU A 213 -15.98 -7.43 -10.39
C GLU A 213 -16.85 -6.66 -11.38
N GLU A 214 -16.90 -5.35 -11.23
CA GLU A 214 -17.66 -4.50 -12.12
C GLU A 214 -17.14 -4.53 -13.56
N THR A 215 -15.83 -4.68 -13.75
CA THR A 215 -15.28 -4.70 -15.11
C THR A 215 -15.74 -5.88 -15.92
N PHE A 216 -15.91 -7.02 -15.26
CA PHE A 216 -16.36 -8.22 -15.95
C PHE A 216 -17.87 -8.18 -16.21
N SER A 217 -18.66 -7.89 -15.19
CA SER A 217 -20.10 -7.83 -15.36
C SER A 217 -20.49 -6.72 -16.33
N TYR A 218 -19.53 -5.84 -16.63
CA TYR A 218 -19.78 -4.75 -17.57
C TYR A 218 -19.37 -5.14 -18.98
N LEU A 219 -18.41 -6.07 -19.09
CA LEU A 219 -17.91 -6.50 -20.40
C LEU A 219 -18.32 -7.91 -20.79
N LEU A 220 -18.71 -8.72 -19.81
CA LEU A 220 -19.11 -10.09 -20.05
C LEU A 220 -20.51 -10.32 -19.50
N GLY A 221 -21.17 -9.22 -19.13
CA GLY A 221 -22.51 -9.28 -18.58
C GLY A 221 -23.45 -10.06 -19.48
N ARG A 222 -23.68 -9.54 -20.68
CA ARG A 222 -24.55 -10.20 -21.66
C ARG A 222 -23.86 -11.43 -22.27
N LYS A 223 -22.99 -11.19 -23.24
CA LYS A 223 -22.27 -12.25 -23.92
C LYS A 223 -20.87 -12.41 -23.34
N LYS A 224 -20.41 -13.66 -23.23
CA LYS A 224 -19.06 -13.96 -22.75
C LYS A 224 -18.13 -13.93 -23.97
N ARG A 225 -17.44 -12.81 -24.21
CA ARG A 225 -16.55 -12.75 -25.36
C ARG A 225 -15.06 -12.87 -25.00
N PRO A 226 -14.19 -12.96 -26.04
CA PRO A 226 -12.75 -13.08 -25.78
C PRO A 226 -12.28 -11.79 -25.13
N ILE A 227 -11.17 -11.88 -24.38
CA ILE A 227 -10.62 -10.72 -23.69
C ILE A 227 -9.22 -10.42 -24.21
N HIS A 228 -8.95 -9.16 -24.49
CA HIS A 228 -7.61 -8.77 -24.92
C HIS A 228 -7.07 -7.89 -23.82
N LEU A 229 -6.00 -8.35 -23.17
CA LEU A 229 -5.40 -7.55 -22.10
C LEU A 229 -4.19 -6.81 -22.63
N SER A 230 -4.34 -5.49 -22.71
CA SER A 230 -3.23 -4.66 -23.14
C SER A 230 -2.69 -4.09 -21.82
N PHE A 231 -1.57 -4.66 -21.37
CA PHE A 231 -0.98 -4.21 -20.12
C PHE A 231 0.25 -3.32 -20.30
N ASP A 232 0.07 -2.06 -19.91
CA ASP A 232 1.12 -1.05 -19.97
C ASP A 232 1.83 -1.07 -18.62
N VAL A 233 3.05 -1.58 -18.59
CA VAL A 233 3.85 -1.70 -17.37
C VAL A 233 3.90 -0.45 -16.49
N ASP A 234 3.64 0.72 -17.04
CA ASP A 234 3.68 1.89 -16.18
C ASP A 234 2.41 2.08 -15.35
N GLY A 235 1.47 1.14 -15.47
CA GLY A 235 0.22 1.22 -14.73
C GLY A 235 0.40 0.88 -13.27
N LEU A 236 1.59 0.40 -12.91
CA LEU A 236 1.90 0.08 -11.52
C LEU A 236 2.64 1.30 -11.00
N ASP A 237 2.70 1.49 -9.69
CA ASP A 237 3.44 2.64 -9.19
C ASP A 237 4.92 2.48 -9.59
N PRO A 238 5.61 3.61 -9.88
CA PRO A 238 7.02 3.68 -10.27
C PRO A 238 7.95 2.83 -9.42
N VAL A 239 7.56 2.60 -8.17
CA VAL A 239 8.32 1.76 -7.24
C VAL A 239 8.49 0.32 -7.69
N PHE A 240 7.47 -0.24 -8.31
CA PHE A 240 7.55 -1.63 -8.73
C PHE A 240 8.08 -1.85 -10.13
N THR A 241 7.74 -0.94 -11.02
CA THR A 241 8.17 -1.02 -12.39
C THR A 241 8.84 0.30 -12.74
N PRO A 242 9.99 0.60 -12.13
CA PRO A 242 10.72 1.84 -12.36
C PRO A 242 11.32 2.11 -13.75
N ALA A 243 11.62 1.06 -14.50
CA ALA A 243 12.20 1.25 -15.83
C ALA A 243 11.24 1.44 -17.01
N THR A 244 10.64 2.63 -17.13
CA THR A 244 9.69 2.92 -18.22
C THR A 244 9.86 4.35 -18.72
N GLY A 245 9.15 4.66 -19.79
CA GLY A 245 9.20 5.99 -20.37
C GLY A 245 8.44 7.01 -19.56
N THR A 246 7.21 6.69 -19.16
CA THR A 246 6.42 7.66 -18.41
C THR A 246 6.02 7.23 -16.99
N PRO A 247 6.93 7.37 -16.01
CA PRO A 247 6.56 6.97 -14.66
C PRO A 247 5.55 7.97 -14.12
N VAL A 248 4.61 7.49 -13.32
CA VAL A 248 3.60 8.34 -12.71
C VAL A 248 3.33 7.79 -11.33
N VAL A 249 3.52 8.60 -10.31
CA VAL A 249 3.31 8.12 -8.96
C VAL A 249 1.84 7.86 -8.64
N GLY A 250 1.61 7.23 -7.49
CA GLY A 250 0.27 6.91 -7.03
C GLY A 250 -0.50 5.95 -7.90
N GLY A 251 0.17 4.92 -8.41
CA GLY A 251 -0.50 3.98 -9.29
C GLY A 251 -0.74 2.62 -8.66
N LEU A 252 -1.16 1.67 -9.49
CA LEU A 252 -1.42 0.32 -9.01
C LEU A 252 -0.18 -0.26 -8.32
N SER A 253 -0.41 -1.16 -7.35
CA SER A 253 0.66 -1.79 -6.62
C SER A 253 0.91 -3.18 -7.15
N TYR A 254 2.11 -3.70 -6.90
CA TYR A 254 2.48 -5.04 -7.35
C TYR A 254 1.38 -6.08 -7.04
N ARG A 255 0.81 -6.04 -5.83
CA ARG A 255 -0.26 -6.97 -5.43
C ARG A 255 -1.51 -6.78 -6.29
N GLU A 256 -1.93 -5.51 -6.41
CA GLU A 256 -3.09 -5.17 -7.21
C GLU A 256 -2.93 -5.68 -8.65
N GLY A 257 -1.74 -5.46 -9.22
CA GLY A 257 -1.48 -5.89 -10.58
C GLY A 257 -1.57 -7.39 -10.76
N LEU A 258 -1.15 -8.14 -9.75
CA LEU A 258 -1.21 -9.58 -9.86
C LEU A 258 -2.65 -10.01 -9.70
N TYR A 259 -3.39 -9.29 -8.86
CA TYR A 259 -4.79 -9.66 -8.65
C TYR A 259 -5.58 -9.45 -9.92
N ILE A 260 -5.30 -8.35 -10.61
CA ILE A 260 -6.02 -8.08 -11.85
C ILE A 260 -5.70 -9.14 -12.90
N THR A 261 -4.46 -9.58 -12.99
CA THR A 261 -4.13 -10.60 -13.96
C THR A 261 -4.64 -11.97 -13.50
N GLU A 262 -4.77 -12.15 -12.18
CA GLU A 262 -5.22 -13.42 -11.62
C GLU A 262 -6.69 -13.62 -11.93
N GLU A 263 -7.48 -12.57 -11.74
CA GLU A 263 -8.90 -12.64 -11.99
C GLU A 263 -9.19 -12.83 -13.46
N ILE A 264 -8.47 -12.13 -14.32
CA ILE A 264 -8.68 -12.29 -15.74
C ILE A 264 -8.40 -13.75 -16.14
N TYR A 265 -7.44 -14.39 -15.48
CA TYR A 265 -7.13 -15.77 -15.82
C TYR A 265 -8.33 -16.66 -15.54
N LYS A 266 -8.87 -16.49 -14.34
CA LYS A 266 -10.02 -17.26 -13.89
C LYS A 266 -11.23 -17.14 -14.81
N THR A 267 -11.32 -16.06 -15.59
CA THR A 267 -12.45 -15.94 -16.50
C THR A 267 -12.29 -16.90 -17.68
N GLY A 268 -11.14 -17.54 -17.76
CA GLY A 268 -10.87 -18.48 -18.84
C GLY A 268 -11.02 -17.90 -20.25
N LEU A 269 -11.19 -16.58 -20.34
CA LEU A 269 -11.37 -15.93 -21.64
C LEU A 269 -10.17 -15.15 -22.21
N LEU A 270 -8.98 -15.34 -21.64
CA LEU A 270 -7.84 -14.60 -22.15
C LEU A 270 -7.41 -15.08 -23.53
N SER A 271 -7.52 -14.19 -24.52
CA SER A 271 -7.12 -14.52 -25.89
C SER A 271 -5.86 -13.79 -26.38
N GLY A 272 -5.65 -12.57 -25.89
CA GLY A 272 -4.47 -11.84 -26.32
C GLY A 272 -3.89 -10.99 -25.20
N LEU A 273 -2.56 -10.89 -25.18
CA LEU A 273 -1.86 -10.14 -24.15
C LEU A 273 -0.82 -9.20 -24.69
N ASP A 274 -0.67 -8.08 -24.01
CA ASP A 274 0.33 -7.08 -24.38
C ASP A 274 1.18 -6.70 -23.19
N ILE A 275 2.44 -7.09 -23.24
CA ILE A 275 3.38 -6.77 -22.18
C ILE A 275 4.23 -5.66 -22.77
N MET A 276 3.64 -4.47 -22.81
CA MET A 276 4.27 -3.30 -23.40
C MET A 276 5.07 -2.41 -22.44
N GLU A 277 5.83 -1.49 -23.06
CA GLU A 277 6.66 -0.47 -22.42
C GLU A 277 7.85 -0.78 -21.51
N VAL A 278 8.37 -2.01 -21.50
CA VAL A 278 9.51 -2.32 -20.64
C VAL A 278 10.80 -1.86 -21.30
N ASN A 279 11.46 -0.87 -20.69
CA ASN A 279 12.69 -0.28 -21.23
C ASN A 279 13.96 -0.51 -20.40
N PRO A 280 14.64 -1.64 -20.57
CA PRO A 280 15.86 -2.04 -19.86
C PRO A 280 16.96 -0.96 -19.68
N THR A 281 16.84 0.15 -20.39
CA THR A 281 17.87 1.16 -20.29
C THR A 281 17.49 2.36 -19.40
N LEU A 282 16.27 2.37 -18.87
CA LEU A 282 15.85 3.49 -18.04
C LEU A 282 15.97 3.29 -16.54
N GLY A 283 16.61 2.19 -16.13
CA GLY A 283 16.75 1.95 -14.70
C GLY A 283 17.96 2.63 -14.07
N LYS A 284 17.72 3.46 -13.04
CA LYS A 284 18.78 4.15 -12.31
C LYS A 284 19.82 3.22 -11.71
N THR A 285 19.47 1.95 -11.54
CA THR A 285 20.39 0.96 -11.03
C THR A 285 20.00 -0.40 -11.63
N PRO A 286 20.94 -1.34 -11.70
CA PRO A 286 20.60 -2.64 -12.27
C PRO A 286 19.37 -3.19 -11.57
N GLU A 287 19.32 -3.00 -10.25
CA GLU A 287 18.19 -3.45 -9.45
C GLU A 287 16.88 -3.08 -10.12
N GLU A 288 16.63 -1.78 -10.24
CA GLU A 288 15.40 -1.30 -10.84
C GLU A 288 15.00 -2.02 -12.11
N VAL A 289 15.91 -2.17 -13.07
CA VAL A 289 15.55 -2.86 -14.30
C VAL A 289 15.11 -4.29 -13.97
N THR A 290 15.90 -5.00 -13.16
CA THR A 290 15.57 -6.37 -12.76
C THR A 290 14.18 -6.43 -12.10
N ARG A 291 13.94 -5.48 -11.20
CA ARG A 291 12.69 -5.38 -10.49
C ARG A 291 11.56 -5.30 -11.53
N THR A 292 11.75 -4.41 -12.50
CA THR A 292 10.79 -4.17 -13.57
C THR A 292 10.55 -5.36 -14.51
N VAL A 293 11.63 -5.97 -14.99
CA VAL A 293 11.52 -7.10 -15.91
C VAL A 293 10.88 -8.30 -15.21
N ASN A 294 11.13 -8.41 -13.92
CA ASN A 294 10.57 -9.53 -13.20
C ASN A 294 9.08 -9.38 -12.92
N THR A 295 8.62 -8.19 -12.56
CA THR A 295 7.20 -8.08 -12.28
C THR A 295 6.45 -8.25 -13.60
N ALA A 296 7.05 -7.76 -14.69
CA ALA A 296 6.42 -7.90 -16.02
C ALA A 296 6.24 -9.38 -16.23
N VAL A 297 7.34 -10.12 -16.09
CA VAL A 297 7.31 -11.56 -16.27
C VAL A 297 6.20 -12.13 -15.42
N ALA A 298 6.34 -11.97 -14.10
CA ALA A 298 5.38 -12.46 -13.13
C ALA A 298 3.94 -12.14 -13.49
N LEU A 299 3.67 -10.93 -13.94
CA LEU A 299 2.30 -10.57 -14.31
C LEU A 299 1.82 -11.47 -15.44
N THR A 300 2.71 -11.76 -16.39
CA THR A 300 2.39 -12.63 -17.52
C THR A 300 2.00 -14.04 -17.06
N LEU A 301 2.82 -14.63 -16.20
CA LEU A 301 2.58 -15.98 -15.68
C LEU A 301 1.27 -16.06 -14.91
N SER A 302 0.87 -14.93 -14.35
CA SER A 302 -0.36 -14.87 -13.59
C SER A 302 -1.51 -15.04 -14.56
N CYS A 303 -1.37 -14.43 -15.73
CA CYS A 303 -2.40 -14.48 -16.75
C CYS A 303 -2.67 -15.89 -17.21
N PHE A 304 -1.66 -16.73 -17.05
CA PHE A 304 -1.76 -18.11 -17.49
C PHE A 304 -1.68 -19.14 -16.40
N GLY A 305 -2.35 -18.92 -15.28
CA GLY A 305 -2.31 -19.93 -14.23
C GLY A 305 -1.66 -19.62 -12.89
N THR A 306 -0.34 -19.47 -12.86
CA THR A 306 0.40 -19.17 -11.64
C THR A 306 -0.39 -18.39 -10.59
N LYS A 307 -0.81 -19.09 -9.54
CA LYS A 307 -1.57 -18.48 -8.44
C LYS A 307 -0.70 -18.31 -7.20
N ARG A 308 -0.99 -17.29 -6.40
CA ARG A 308 -0.23 -17.06 -5.20
C ARG A 308 -0.46 -18.13 -4.13
N GLU A 309 -1.68 -18.64 -4.05
CA GLU A 309 -2.00 -19.67 -3.08
C GLU A 309 -1.19 -20.92 -3.44
N GLY A 310 -0.64 -20.96 -4.66
CA GLY A 310 0.15 -22.11 -5.06
C GLY A 310 -0.50 -23.03 -6.08
N ASN A 311 0.31 -23.85 -6.75
CA ASN A 311 -0.21 -24.77 -7.75
C ASN A 311 0.43 -26.15 -7.65
N HIS A 312 -0.34 -27.18 -8.01
CA HIS A 312 0.13 -28.57 -7.99
C HIS A 312 -0.42 -29.27 -9.22
N LYS A 313 0.36 -30.20 -9.79
CA LYS A 313 -0.06 -30.94 -11.00
C LYS A 313 -1.15 -32.01 -10.74
N PRO A 314 -2.22 -31.91 -11.53
CA PRO A 314 -3.40 -32.81 -11.41
C PRO A 314 -3.04 -34.28 -11.48
N GLU A 315 -3.86 -35.13 -10.92
CA GLU A 315 -3.64 -36.57 -10.97
C GLU A 315 -2.34 -37.05 -10.32
N THR A 316 -1.67 -36.16 -9.60
CA THR A 316 -0.44 -36.53 -8.92
C THR A 316 -0.67 -36.44 -7.40
N ASP A 317 -0.51 -37.58 -6.72
CA ASP A 317 -0.67 -37.66 -5.26
C ASP A 317 0.71 -37.45 -4.62
N TYR A 318 0.96 -36.22 -4.16
CA TYR A 318 2.24 -35.88 -3.58
C TYR A 318 2.50 -36.55 -2.24
N LEU A 319 1.55 -37.34 -1.77
CA LEU A 319 1.72 -38.06 -0.51
C LEU A 319 1.98 -39.55 -0.80
N LYS B 6 -4.16 -10.50 33.98
CA LYS B 6 -3.66 -11.78 33.39
C LYS B 6 -2.13 -11.76 33.19
N PRO B 7 -1.46 -12.88 33.48
CA PRO B 7 0.00 -12.96 33.33
C PRO B 7 0.51 -13.22 31.91
N ILE B 8 1.78 -12.86 31.66
CA ILE B 8 2.45 -13.05 30.36
C ILE B 8 3.83 -13.64 30.65
N GLU B 9 4.29 -14.58 29.84
CA GLU B 9 5.62 -15.14 30.06
C GLU B 9 6.44 -15.28 28.78
N ILE B 10 7.54 -14.54 28.73
CA ILE B 10 8.45 -14.55 27.60
C ILE B 10 9.38 -15.76 27.67
N ILE B 11 9.45 -16.51 26.58
CA ILE B 11 10.28 -17.70 26.51
C ILE B 11 11.14 -17.62 25.28
N GLY B 12 12.43 -17.41 25.49
CA GLY B 12 13.32 -17.35 24.35
C GLY B 12 13.64 -18.75 23.90
N ALA B 13 13.72 -18.94 22.59
CA ALA B 13 14.05 -20.25 22.03
C ALA B 13 15.06 -20.03 20.91
N PRO B 14 16.25 -19.51 21.26
CA PRO B 14 17.32 -19.24 20.30
C PRO B 14 17.80 -20.49 19.59
N PHE B 15 16.95 -21.05 18.74
CA PHE B 15 17.26 -22.25 17.99
C PHE B 15 17.36 -21.94 16.50
N SER B 16 18.17 -22.68 15.76
CA SER B 16 18.28 -22.40 14.33
C SER B 16 18.59 -23.56 13.41
N LYS B 17 18.48 -24.79 13.91
CA LYS B 17 18.75 -25.96 13.07
C LYS B 17 17.53 -26.32 12.22
N GLY B 18 16.51 -25.46 12.27
CA GLY B 18 15.31 -25.72 11.50
C GLY B 18 15.53 -25.36 10.05
N GLN B 19 16.55 -24.54 9.83
CA GLN B 19 16.94 -24.08 8.50
C GLN B 19 18.46 -23.88 8.42
N PRO B 20 19.01 -23.85 7.19
CA PRO B 20 20.45 -23.67 6.97
C PRO B 20 21.13 -22.36 7.35
N ARG B 21 20.44 -21.23 7.14
CA ARG B 21 21.00 -19.91 7.45
C ARG B 21 21.19 -19.59 8.92
N GLY B 22 22.44 -19.40 9.33
CA GLY B 22 22.69 -19.10 10.72
C GLY B 22 22.36 -17.68 11.08
N GLY B 23 22.01 -17.43 12.33
CA GLY B 23 21.69 -16.08 12.76
C GLY B 23 20.42 -15.95 13.58
N VAL B 24 19.41 -16.73 13.24
CA VAL B 24 18.14 -16.70 13.94
C VAL B 24 18.18 -16.96 15.44
N GLU B 25 19.17 -17.72 15.90
CA GLU B 25 19.26 -18.00 17.32
C GLU B 25 19.52 -16.68 18.05
N LYS B 26 19.98 -15.69 17.30
CA LYS B 26 20.25 -14.36 17.84
C LYS B 26 18.95 -13.55 17.85
N GLY B 27 17.86 -14.21 17.47
CA GLY B 27 16.57 -13.55 17.43
C GLY B 27 16.09 -12.99 18.76
N PRO B 28 15.70 -13.86 19.71
CA PRO B 28 15.21 -13.44 21.02
C PRO B 28 16.11 -12.41 21.69
N ALA B 29 17.41 -12.54 21.47
CA ALA B 29 18.37 -11.62 22.05
C ALA B 29 18.17 -10.19 21.54
N ALA B 30 17.91 -10.02 20.25
CA ALA B 30 17.71 -8.68 19.70
C ALA B 30 16.34 -8.12 20.07
N LEU B 31 15.34 -9.01 20.15
CA LEU B 31 13.99 -8.58 20.49
C LEU B 31 13.99 -8.00 21.87
N ARG B 32 14.76 -8.62 22.77
CA ARG B 32 14.86 -8.14 24.15
C ARG B 32 15.70 -6.86 24.17
N LYS B 33 16.78 -6.87 23.39
CA LYS B 33 17.67 -5.73 23.29
C LYS B 33 16.88 -4.51 22.85
N ALA B 34 15.78 -4.75 22.13
CA ALA B 34 14.92 -3.68 21.64
C ALA B 34 13.85 -3.32 22.67
N GLY B 35 13.99 -3.84 23.88
CA GLY B 35 13.05 -3.54 24.96
C GLY B 35 11.70 -4.22 24.95
N LEU B 36 11.63 -5.43 24.42
CA LEU B 36 10.35 -6.13 24.36
C LEU B 36 9.74 -6.30 25.74
N VAL B 37 10.55 -6.69 26.71
CA VAL B 37 10.03 -6.88 28.06
C VAL B 37 9.56 -5.54 28.61
N GLU B 38 10.51 -4.66 28.90
CA GLU B 38 10.22 -3.33 29.43
C GLU B 38 8.92 -2.77 28.90
N LYS B 39 8.82 -2.65 27.59
CA LYS B 39 7.62 -2.12 26.96
C LYS B 39 6.40 -2.93 27.36
N LEU B 40 6.51 -4.24 27.29
CA LEU B 40 5.41 -5.11 27.64
C LEU B 40 4.90 -4.76 29.03
N LYS B 41 5.82 -4.64 29.98
CA LYS B 41 5.43 -4.32 31.34
C LYS B 41 4.49 -3.14 31.43
N GLU B 42 4.75 -2.11 30.63
CA GLU B 42 3.92 -0.90 30.65
C GLU B 42 2.47 -1.07 30.25
N THR B 43 2.07 -2.30 29.91
CA THR B 43 0.67 -2.57 29.54
C THR B 43 -0.04 -3.15 30.74
N GLU B 44 -1.34 -3.39 30.60
CA GLU B 44 -2.16 -3.93 31.67
C GLU B 44 -1.91 -5.42 31.92
N TYR B 45 -0.70 -5.88 31.64
CA TYR B 45 -0.35 -7.29 31.84
C TYR B 45 0.86 -7.52 32.75
N ASN B 46 0.85 -8.63 33.46
CA ASN B 46 1.96 -9.00 34.34
C ASN B 46 3.00 -9.68 33.46
N VAL B 47 4.23 -9.20 33.49
CA VAL B 47 5.25 -9.80 32.66
C VAL B 47 6.31 -10.53 33.46
N ARG B 48 6.75 -11.68 32.97
CA ARG B 48 7.77 -12.47 33.63
C ARG B 48 8.68 -13.15 32.60
N ASP B 49 9.94 -12.75 32.56
CA ASP B 49 10.89 -13.31 31.61
C ASP B 49 11.47 -14.61 32.13
N HIS B 50 11.05 -15.70 31.52
CA HIS B 50 11.51 -17.02 31.87
C HIS B 50 12.96 -17.26 31.38
N GLY B 51 13.47 -16.36 30.54
CA GLY B 51 14.82 -16.50 30.01
C GLY B 51 14.87 -17.35 28.75
N ASP B 52 16.06 -17.56 28.19
CA ASP B 52 16.19 -18.37 26.98
C ASP B 52 16.50 -19.84 27.28
N LEU B 53 15.64 -20.75 26.85
CA LEU B 53 15.88 -22.16 27.06
C LEU B 53 17.27 -22.47 26.50
N ALA B 54 17.95 -23.48 27.05
CA ALA B 54 19.27 -23.87 26.57
C ALA B 54 19.15 -25.24 25.90
N PHE B 55 19.48 -25.31 24.63
CA PHE B 55 19.38 -26.56 23.90
C PHE B 55 20.69 -27.30 23.82
N VAL B 56 20.64 -28.61 24.05
CA VAL B 56 21.82 -29.45 23.99
C VAL B 56 21.89 -30.09 22.60
N ASP B 57 22.99 -29.83 21.89
CA ASP B 57 23.19 -30.34 20.54
C ASP B 57 23.40 -31.84 20.43
N VAL B 58 22.47 -32.50 19.76
CA VAL B 58 22.53 -33.95 19.54
C VAL B 58 23.71 -34.24 18.63
N PRO B 59 24.77 -34.87 19.18
CA PRO B 59 25.95 -35.20 18.37
C PRO B 59 25.68 -36.36 17.41
N ASN B 60 26.27 -36.30 16.24
CA ASN B 60 26.10 -37.32 15.21
C ASN B 60 24.65 -37.39 14.73
N ASP B 61 24.06 -36.22 14.51
CA ASP B 61 22.69 -36.12 14.06
C ASP B 61 22.58 -36.27 12.53
N SER B 62 22.57 -37.53 12.08
CA SER B 62 22.48 -37.85 10.66
C SER B 62 21.14 -37.45 10.07
N PRO B 63 21.14 -37.04 8.80
CA PRO B 63 19.93 -36.62 8.09
C PRO B 63 19.00 -37.78 7.69
N PHE B 64 17.83 -37.84 8.32
CA PHE B 64 16.83 -38.89 8.07
C PHE B 64 16.29 -38.82 6.64
N GLN B 65 17.06 -39.34 5.69
CA GLN B 65 16.70 -39.30 4.27
C GLN B 65 17.06 -37.89 3.81
N ILE B 66 16.05 -37.03 3.68
CA ILE B 66 16.28 -35.63 3.30
C ILE B 66 16.22 -34.72 4.54
N VAL B 67 15.29 -35.03 5.44
CA VAL B 67 15.12 -34.26 6.68
C VAL B 67 16.46 -34.13 7.39
N LYS B 68 16.88 -32.89 7.63
CA LYS B 68 18.16 -32.61 8.28
C LYS B 68 18.03 -32.27 9.76
N ASN B 69 19.06 -32.60 10.53
CA ASN B 69 19.08 -32.35 11.96
C ASN B 69 17.78 -32.71 12.68
N PRO B 70 17.17 -33.85 12.33
CA PRO B 70 15.92 -34.28 12.95
C PRO B 70 15.93 -34.43 14.46
N ARG B 71 17.01 -35.03 14.99
CA ARG B 71 17.16 -35.26 16.42
C ARG B 71 17.38 -33.97 17.20
N SER B 72 18.15 -33.05 16.62
CA SER B 72 18.42 -31.79 17.30
C SER B 72 17.14 -30.99 17.39
N VAL B 73 16.35 -31.03 16.33
CA VAL B 73 15.07 -30.30 16.28
C VAL B 73 13.99 -30.99 17.09
N GLY B 74 14.01 -32.32 17.09
CA GLY B 74 13.02 -33.07 17.84
C GLY B 74 13.23 -32.90 19.33
N LYS B 75 14.51 -32.78 19.73
CA LYS B 75 14.86 -32.61 21.13
C LYS B 75 14.66 -31.17 21.59
N ALA B 76 14.92 -30.23 20.69
CA ALA B 76 14.75 -28.83 21.00
C ALA B 76 13.27 -28.56 21.24
N ASN B 77 12.43 -29.03 20.32
CA ASN B 77 10.99 -28.83 20.43
C ASN B 77 10.40 -29.61 21.61
N GLU B 78 10.98 -30.76 21.92
CA GLU B 78 10.50 -31.55 23.04
C GLU B 78 10.64 -30.74 24.34
N GLN B 79 11.83 -30.19 24.51
CA GLN B 79 12.17 -29.36 25.65
C GLN B 79 11.21 -28.20 25.82
N LEU B 80 11.01 -27.44 24.75
CA LEU B 80 10.12 -26.26 24.75
C LEU B 80 8.67 -26.61 25.09
N ALA B 81 8.10 -27.57 24.36
CA ALA B 81 6.72 -28.00 24.59
C ALA B 81 6.47 -28.19 26.09
N ALA B 82 7.46 -28.77 26.75
CA ALA B 82 7.38 -29.01 28.17
C ALA B 82 7.23 -27.69 28.91
N VAL B 83 8.12 -26.73 28.60
CA VAL B 83 8.09 -25.42 29.25
C VAL B 83 6.79 -24.68 28.96
N VAL B 84 6.37 -24.69 27.71
CA VAL B 84 5.14 -23.98 27.33
C VAL B 84 3.93 -24.54 28.07
N ALA B 85 3.87 -25.86 28.19
CA ALA B 85 2.75 -26.51 28.87
C ALA B 85 2.69 -26.03 30.31
N GLU B 86 3.88 -25.90 30.90
CA GLU B 86 4.04 -25.48 32.28
C GLU B 86 3.48 -24.13 32.60
N THR B 87 3.85 -23.12 31.81
CA THR B 87 3.36 -21.78 32.06
C THR B 87 1.90 -21.70 31.65
N GLN B 88 1.50 -22.52 30.69
CA GLN B 88 0.11 -22.53 30.27
C GLN B 88 -0.67 -23.09 31.44
N LYS B 89 -0.11 -24.11 32.06
CA LYS B 89 -0.70 -24.79 33.22
C LYS B 89 -1.07 -23.80 34.33
N ASN B 90 -0.11 -22.95 34.70
CA ASN B 90 -0.30 -21.96 35.76
C ASN B 90 -1.23 -20.81 35.40
N GLY B 91 -1.84 -20.88 34.22
CA GLY B 91 -2.77 -19.85 33.79
C GLY B 91 -2.19 -18.57 33.23
N THR B 92 -1.02 -18.66 32.60
CA THR B 92 -0.38 -17.49 32.01
C THR B 92 -0.31 -17.60 30.48
N ILE B 93 -0.09 -16.49 29.78
CA ILE B 93 0.00 -16.51 28.33
C ILE B 93 1.47 -16.71 27.96
N SER B 94 1.76 -17.71 27.14
CA SER B 94 3.13 -17.96 26.74
C SER B 94 3.51 -17.21 25.49
N VAL B 95 4.64 -16.52 25.53
CA VAL B 95 5.11 -15.78 24.36
C VAL B 95 6.45 -16.31 23.98
N VAL B 96 6.52 -16.94 22.82
CA VAL B 96 7.76 -17.52 22.38
C VAL B 96 8.50 -16.69 21.34
N LEU B 97 9.61 -16.08 21.76
CA LEU B 97 10.47 -15.31 20.86
C LEU B 97 11.33 -16.41 20.32
N GLY B 98 11.90 -16.25 19.13
CA GLY B 98 12.72 -17.36 18.68
C GLY B 98 13.55 -17.30 17.43
N GLY B 99 14.10 -18.48 17.13
CA GLY B 99 14.91 -18.69 15.96
C GLY B 99 13.91 -19.15 14.93
N ASP B 100 14.25 -20.16 14.13
CA ASP B 100 13.35 -20.60 13.07
C ASP B 100 11.92 -20.93 13.51
N HIS B 101 11.08 -21.25 12.53
CA HIS B 101 9.66 -21.54 12.76
C HIS B 101 9.40 -23.00 13.10
N SER B 102 10.44 -23.81 13.07
CA SER B 102 10.30 -25.22 13.39
C SER B 102 9.98 -25.39 14.87
N MET B 103 10.29 -24.37 15.67
CA MET B 103 10.00 -24.42 17.09
C MET B 103 8.52 -24.32 17.36
N ALA B 104 7.73 -24.09 16.31
CA ALA B 104 6.29 -23.98 16.46
C ALA B 104 5.73 -25.35 16.84
N ILE B 105 6.42 -26.40 16.39
CA ILE B 105 6.01 -27.75 16.71
C ILE B 105 5.92 -27.86 18.21
N GLY B 106 6.98 -27.45 18.89
CA GLY B 106 6.99 -27.52 20.35
C GLY B 106 6.05 -26.55 21.02
N SER B 107 6.01 -25.31 20.56
CA SER B 107 5.14 -24.30 21.13
C SER B 107 3.67 -24.68 21.09
N ILE B 108 3.18 -25.01 19.90
CA ILE B 108 1.77 -25.39 19.76
C ILE B 108 1.43 -26.68 20.48
N SER B 109 2.41 -27.58 20.60
CA SER B 109 2.19 -28.85 21.30
C SER B 109 1.98 -28.63 22.80
N GLY B 110 2.97 -28.03 23.44
CA GLY B 110 2.86 -27.74 24.86
C GLY B 110 1.58 -27.00 25.14
N HIS B 111 1.18 -26.10 24.24
CA HIS B 111 -0.04 -25.32 24.43
C HIS B 111 -1.25 -26.24 24.36
N ALA B 112 -1.31 -27.05 23.31
CA ALA B 112 -2.43 -27.96 23.08
C ALA B 112 -2.76 -28.84 24.28
N ARG B 113 -1.72 -29.28 24.99
CA ARG B 113 -1.91 -30.11 26.16
C ARG B 113 -2.86 -29.43 27.14
N VAL B 114 -2.46 -28.27 27.67
CA VAL B 114 -3.29 -27.51 28.61
C VAL B 114 -4.62 -27.04 28.01
N HIS B 115 -4.63 -26.78 26.70
CA HIS B 115 -5.86 -26.36 26.01
C HIS B 115 -5.98 -27.15 24.72
N PRO B 116 -6.62 -28.33 24.78
CA PRO B 116 -6.78 -29.17 23.59
C PRO B 116 -7.82 -28.64 22.60
N ASP B 117 -8.48 -27.55 22.94
CA ASP B 117 -9.50 -27.03 22.03
C ASP B 117 -9.10 -25.75 21.30
N LEU B 118 -7.83 -25.37 21.42
CA LEU B 118 -7.35 -24.14 20.80
C LEU B 118 -7.35 -24.24 19.31
N CYS B 119 -7.38 -23.09 18.67
CA CYS B 119 -7.33 -22.98 17.24
C CYS B 119 -6.07 -22.17 16.89
N VAL B 120 -5.60 -22.32 15.66
CA VAL B 120 -4.41 -21.62 15.24
C VAL B 120 -4.58 -20.64 14.07
N ILE B 121 -4.19 -19.39 14.28
CA ILE B 121 -4.19 -18.38 13.23
C ILE B 121 -2.69 -18.30 12.87
N TRP B 122 -2.37 -18.67 11.63
CA TRP B 122 -0.98 -18.72 11.16
C TRP B 122 -0.65 -17.66 10.11
N VAL B 123 -0.10 -16.52 10.57
CA VAL B 123 0.28 -15.43 9.68
C VAL B 123 1.67 -15.76 9.15
N ASP B 124 1.75 -16.12 7.88
CA ASP B 124 3.00 -16.50 7.26
C ASP B 124 2.86 -16.39 5.74
N ALA B 125 3.98 -16.27 5.01
CA ALA B 125 3.94 -16.18 3.56
C ALA B 125 3.94 -17.59 2.98
N HIS B 126 4.37 -18.53 3.83
CA HIS B 126 4.48 -19.95 3.50
C HIS B 126 3.54 -20.76 4.35
N THR B 127 3.19 -21.95 3.88
CA THR B 127 2.30 -22.83 4.63
C THR B 127 3.05 -23.65 5.69
N ASP B 128 4.29 -24.07 5.38
CA ASP B 128 5.11 -24.87 6.28
C ASP B 128 4.34 -26.14 6.62
N ILE B 129 3.80 -26.78 5.58
CA ILE B 129 3.02 -28.00 5.74
C ILE B 129 3.57 -29.10 4.84
N ASN B 130 4.88 -29.03 4.60
CA ASN B 130 5.60 -30.02 3.82
C ASN B 130 5.85 -31.19 4.76
N THR B 131 5.65 -32.41 4.27
CA THR B 131 5.91 -33.59 5.09
C THR B 131 7.32 -34.05 4.78
N PRO B 132 7.95 -34.82 5.67
CA PRO B 132 9.30 -35.30 5.44
C PRO B 132 9.43 -35.92 4.05
N LEU B 133 8.27 -36.22 3.46
CA LEU B 133 8.20 -36.82 2.13
C LEU B 133 8.04 -35.81 1.00
N THR B 134 7.60 -34.60 1.31
CA THR B 134 7.42 -33.62 0.25
C THR B 134 8.41 -32.47 0.27
N THR B 135 9.24 -32.36 1.30
CA THR B 135 10.22 -31.26 1.29
C THR B 135 11.17 -31.50 0.14
N SER B 136 11.86 -30.45 -0.28
CA SER B 136 12.81 -30.55 -1.37
C SER B 136 14.12 -30.12 -0.80
N SER B 137 14.07 -29.67 0.44
CA SER B 137 15.27 -29.19 1.13
C SER B 137 15.52 -29.95 2.42
N GLY B 138 14.47 -30.54 2.97
CA GLY B 138 14.63 -31.28 4.20
C GLY B 138 14.63 -30.36 5.40
N ASN B 139 14.77 -29.06 5.19
CA ASN B 139 14.76 -28.11 6.29
C ASN B 139 13.41 -28.22 6.98
N LEU B 140 13.47 -28.49 8.28
CA LEU B 140 12.28 -28.69 9.10
C LEU B 140 11.45 -27.45 9.38
N HIS B 141 12.04 -26.27 9.28
CA HIS B 141 11.27 -25.06 9.56
C HIS B 141 10.15 -24.87 8.55
N GLY B 142 10.07 -25.78 7.60
CA GLY B 142 9.02 -25.68 6.59
C GLY B 142 8.10 -26.89 6.64
N GLN B 143 8.04 -27.53 7.81
CA GLN B 143 7.21 -28.72 8.00
C GLN B 143 6.43 -28.75 9.31
N PRO B 144 6.59 -27.74 10.18
CA PRO B 144 5.87 -27.71 11.47
C PRO B 144 4.42 -28.20 11.45
N VAL B 145 3.58 -27.56 10.63
CA VAL B 145 2.18 -27.93 10.53
C VAL B 145 2.01 -29.42 10.23
N ALA B 146 2.93 -29.99 9.48
CA ALA B 146 2.85 -31.40 9.13
C ALA B 146 2.85 -32.32 10.35
N PHE B 147 3.67 -32.00 11.35
CA PHE B 147 3.74 -32.81 12.55
C PHE B 147 2.58 -32.56 13.49
N LEU B 148 2.02 -31.35 13.46
CA LEU B 148 0.92 -31.01 14.37
C LEU B 148 -0.46 -31.42 13.87
N LEU B 149 -0.63 -31.51 12.57
CA LEU B 149 -1.92 -31.88 12.03
C LEU B 149 -2.27 -33.32 12.28
N LYS B 150 -3.56 -33.56 12.53
CA LYS B 150 -4.07 -34.90 12.77
C LYS B 150 -4.23 -35.67 11.45
N GLU B 151 -4.83 -35.01 10.45
CA GLU B 151 -5.07 -35.62 9.16
C GLU B 151 -3.81 -36.07 8.47
N LEU B 152 -2.70 -35.43 8.79
CA LEU B 152 -1.44 -35.83 8.20
C LEU B 152 -0.75 -36.88 9.05
N LYS B 153 -1.53 -37.57 9.88
CA LYS B 153 -0.99 -38.60 10.75
C LYS B 153 -0.62 -39.87 9.99
N GLY B 154 0.59 -40.36 10.24
CA GLY B 154 1.05 -41.56 9.57
C GLY B 154 0.94 -41.47 8.07
N LYS B 155 1.18 -40.28 7.52
CA LYS B 155 1.15 -40.08 6.08
C LYS B 155 2.59 -39.95 5.66
N PHE B 156 3.47 -40.01 6.64
CA PHE B 156 4.91 -39.93 6.41
C PHE B 156 5.64 -40.74 7.49
N PRO B 157 6.81 -41.31 7.15
CA PRO B 157 7.60 -42.11 8.09
C PRO B 157 7.95 -41.38 9.38
N ASP B 158 8.15 -42.14 10.46
CA ASP B 158 8.49 -41.54 11.74
C ASP B 158 9.91 -41.01 11.70
N VAL B 159 10.09 -39.85 12.32
CA VAL B 159 11.39 -39.19 12.34
C VAL B 159 12.13 -39.29 13.67
N PRO B 160 13.46 -39.39 13.63
CA PRO B 160 14.34 -39.50 14.80
C PRO B 160 14.24 -38.33 15.78
N GLY B 161 13.45 -38.50 16.83
CA GLY B 161 13.33 -37.46 17.82
C GLY B 161 11.95 -36.84 18.00
N PHE B 162 11.04 -37.08 17.06
CA PHE B 162 9.73 -36.48 17.18
C PHE B 162 8.70 -37.46 17.72
N SER B 163 9.18 -38.62 18.16
CA SER B 163 8.32 -39.64 18.72
C SER B 163 7.31 -39.05 19.71
N TRP B 164 7.82 -38.19 20.59
CA TRP B 164 7.03 -37.53 21.64
C TRP B 164 5.86 -36.68 21.16
N VAL B 165 5.79 -36.38 19.86
CA VAL B 165 4.70 -35.55 19.36
C VAL B 165 3.40 -36.26 19.08
N THR B 166 2.30 -35.56 19.27
CA THR B 166 0.99 -36.13 19.06
C THR B 166 0.16 -35.17 18.22
N PRO B 167 -0.25 -35.59 17.02
CA PRO B 167 -1.05 -34.69 16.18
C PRO B 167 -2.28 -34.24 16.96
N CYS B 168 -2.17 -33.06 17.56
CA CYS B 168 -3.21 -32.50 18.40
C CYS B 168 -4.30 -31.67 17.78
N ILE B 169 -4.03 -30.98 16.68
CA ILE B 169 -5.07 -30.16 16.05
C ILE B 169 -5.40 -30.65 14.65
N SER B 170 -6.63 -30.38 14.21
CA SER B 170 -7.07 -30.80 12.89
C SER B 170 -7.07 -29.62 11.92
N ALA B 171 -7.27 -29.90 10.64
CA ALA B 171 -7.28 -28.86 9.62
C ALA B 171 -8.50 -27.90 9.66
N LYS B 172 -9.41 -28.10 10.60
CA LYS B 172 -10.56 -27.21 10.70
C LYS B 172 -10.40 -26.28 11.88
N ASP B 173 -9.19 -26.26 12.44
CA ASP B 173 -8.91 -25.41 13.58
C ASP B 173 -7.76 -24.47 13.29
N ILE B 174 -7.25 -24.52 12.07
CA ILE B 174 -6.14 -23.68 11.62
C ILE B 174 -6.58 -22.73 10.51
N VAL B 175 -5.99 -21.55 10.47
CA VAL B 175 -6.29 -20.55 9.42
C VAL B 175 -5.02 -19.81 9.00
N TYR B 176 -4.83 -19.71 7.70
CA TYR B 176 -3.68 -19.05 7.12
C TYR B 176 -4.02 -17.63 6.67
N ILE B 177 -3.07 -16.70 6.84
CA ILE B 177 -3.25 -15.33 6.40
C ILE B 177 -1.91 -14.77 5.96
N GLY B 178 -1.72 -14.58 4.66
CA GLY B 178 -0.48 -14.03 4.17
C GLY B 178 0.20 -14.84 3.08
N LEU B 179 -0.29 -16.05 2.87
CA LEU B 179 0.26 -16.97 1.88
C LEU B 179 0.46 -16.33 0.52
N ARG B 180 1.62 -16.58 -0.08
CA ARG B 180 1.93 -16.04 -1.39
C ARG B 180 3.04 -16.83 -2.05
N ASP B 181 3.59 -17.81 -1.35
CA ASP B 181 4.65 -18.65 -1.90
C ASP B 181 4.45 -20.10 -1.43
N VAL B 182 3.60 -20.82 -2.13
CA VAL B 182 3.29 -22.18 -1.74
C VAL B 182 3.80 -23.24 -2.72
N ASP B 183 4.47 -24.26 -2.21
CA ASP B 183 4.97 -25.32 -3.08
C ASP B 183 3.85 -26.09 -3.72
N PRO B 184 4.17 -26.88 -4.75
CA PRO B 184 3.11 -27.66 -5.40
C PRO B 184 2.47 -28.60 -4.38
N GLY B 185 3.29 -29.44 -3.74
CA GLY B 185 2.79 -30.36 -2.73
C GLY B 185 2.01 -29.70 -1.61
N GLU B 186 2.57 -28.63 -1.04
CA GLU B 186 1.91 -27.89 0.05
C GLU B 186 0.52 -27.44 -0.39
N HIS B 187 0.39 -27.01 -1.63
CA HIS B 187 -0.91 -26.57 -2.13
C HIS B 187 -1.88 -27.75 -2.21
N TYR B 188 -1.35 -28.90 -2.61
CA TYR B 188 -2.12 -30.13 -2.74
C TYR B 188 -2.73 -30.45 -1.39
N ILE B 189 -1.87 -30.57 -0.39
CA ILE B 189 -2.29 -30.87 0.96
C ILE B 189 -3.36 -29.93 1.50
N ILE B 190 -3.21 -28.62 1.29
CA ILE B 190 -4.19 -27.66 1.82
C ILE B 190 -5.52 -27.65 1.04
N LYS B 191 -5.48 -28.16 -0.17
CA LYS B 191 -6.68 -28.23 -0.99
C LYS B 191 -7.34 -29.54 -0.68
N THR B 192 -6.52 -30.55 -0.40
CA THR B 192 -7.01 -31.89 -0.06
C THR B 192 -7.74 -31.90 1.28
N LEU B 193 -7.09 -31.34 2.30
CA LEU B 193 -7.62 -31.28 3.65
C LEU B 193 -8.55 -30.10 3.89
N GLY B 194 -9.05 -29.49 2.83
CA GLY B 194 -9.99 -28.39 3.02
C GLY B 194 -9.63 -27.40 4.12
N ILE B 195 -8.34 -27.04 4.19
CA ILE B 195 -7.84 -26.08 5.16
C ILE B 195 -8.25 -24.65 4.76
N LYS B 196 -8.62 -23.83 5.75
CA LYS B 196 -9.06 -22.46 5.49
C LYS B 196 -7.87 -21.50 5.44
N TYR B 197 -7.83 -20.64 4.45
CA TYR B 197 -6.73 -19.71 4.33
C TYR B 197 -7.09 -18.48 3.53
N PHE B 198 -6.24 -17.47 3.64
CA PHE B 198 -6.41 -16.23 2.92
C PHE B 198 -5.04 -15.93 2.32
N SER B 199 -4.92 -16.10 1.01
CA SER B 199 -3.67 -15.83 0.33
C SER B 199 -3.66 -14.34 0.03
N MET B 200 -2.49 -13.80 -0.30
CA MET B 200 -2.40 -12.39 -0.60
C MET B 200 -3.48 -11.97 -1.58
N THR B 201 -3.89 -12.89 -2.45
CA THR B 201 -4.90 -12.53 -3.42
C THR B 201 -6.24 -12.29 -2.70
N GLU B 202 -6.58 -13.14 -1.73
CA GLU B 202 -7.82 -12.96 -0.99
C GLU B 202 -7.74 -11.66 -0.19
N VAL B 203 -6.64 -11.48 0.50
CA VAL B 203 -6.43 -10.26 1.28
C VAL B 203 -6.66 -9.08 0.36
N ASP B 204 -6.20 -9.19 -0.89
CA ASP B 204 -6.35 -8.12 -1.87
C ASP B 204 -7.79 -7.89 -2.25
N LYS B 205 -8.47 -8.98 -2.59
CA LYS B 205 -9.88 -8.90 -2.95
C LYS B 205 -10.74 -8.41 -1.77
N LEU B 206 -10.62 -9.07 -0.64
CA LEU B 206 -11.40 -8.76 0.56
C LEU B 206 -11.08 -7.55 1.45
N GLY B 207 -9.79 -7.22 1.61
CA GLY B 207 -9.43 -6.13 2.49
C GLY B 207 -9.09 -6.82 3.79
N ILE B 208 -8.15 -6.29 4.57
CA ILE B 208 -7.79 -6.96 5.79
C ILE B 208 -8.94 -7.01 6.78
N GLY B 209 -9.71 -5.94 6.85
CA GLY B 209 -10.83 -5.91 7.76
C GLY B 209 -11.76 -7.12 7.66
N LYS B 210 -12.24 -7.39 6.44
CA LYS B 210 -13.11 -8.51 6.18
C LYS B 210 -12.40 -9.83 6.36
N VAL B 211 -11.08 -9.86 6.16
CA VAL B 211 -10.34 -11.11 6.34
C VAL B 211 -10.48 -11.56 7.77
N MET B 212 -10.10 -10.69 8.69
CA MET B 212 -10.15 -10.98 10.11
C MET B 212 -11.56 -11.34 10.54
N GLU B 213 -12.52 -10.64 9.95
CA GLU B 213 -13.94 -10.87 10.26
C GLU B 213 -14.30 -12.32 9.99
N GLU B 214 -14.00 -12.78 8.77
CA GLU B 214 -14.28 -14.15 8.39
C GLU B 214 -13.44 -15.16 9.17
N THR B 215 -12.20 -14.79 9.52
CA THR B 215 -11.34 -15.72 10.24
C THR B 215 -11.87 -16.06 11.62
N PHE B 216 -12.47 -15.08 12.27
CA PHE B 216 -13.01 -15.30 13.60
C PHE B 216 -14.32 -16.07 13.54
N SER B 217 -15.27 -15.60 12.74
CA SER B 217 -16.56 -16.27 12.64
C SER B 217 -16.38 -17.70 12.13
N TYR B 218 -15.21 -18.00 11.58
CA TYR B 218 -14.94 -19.33 11.08
C TYR B 218 -14.27 -20.18 12.15
N LEU B 219 -13.57 -19.54 13.08
CA LEU B 219 -12.87 -20.26 14.15
C LEU B 219 -13.50 -20.14 15.53
N LEU B 220 -14.31 -19.12 15.72
CA LEU B 220 -14.96 -18.87 16.99
C LEU B 220 -16.47 -18.80 16.79
N GLY B 221 -16.91 -19.17 15.59
CA GLY B 221 -18.34 -19.14 15.27
C GLY B 221 -19.14 -19.91 16.31
N ARG B 222 -18.92 -21.22 16.39
CA ARG B 222 -19.63 -22.04 17.35
C ARG B 222 -19.13 -21.76 18.78
N LYS B 223 -18.03 -22.39 19.15
CA LYS B 223 -17.44 -22.24 20.48
C LYS B 223 -16.32 -21.21 20.48
N LYS B 224 -16.24 -20.42 21.55
CA LYS B 224 -15.20 -19.43 21.70
C LYS B 224 -13.99 -20.11 22.36
N ARG B 225 -13.01 -20.55 21.57
CA ARG B 225 -11.83 -21.22 22.14
C ARG B 225 -10.57 -20.36 22.21
N PRO B 226 -9.53 -20.86 22.87
CA PRO B 226 -8.28 -20.10 22.96
C PRO B 226 -7.70 -19.93 21.57
N ILE B 227 -6.89 -18.89 21.38
CA ILE B 227 -6.27 -18.63 20.09
C ILE B 227 -4.76 -18.71 20.20
N HIS B 228 -4.11 -19.38 19.24
CA HIS B 228 -2.66 -19.45 19.24
C HIS B 228 -2.22 -18.71 17.99
N LEU B 229 -1.49 -17.62 18.18
CA LEU B 229 -1.01 -16.85 17.03
C LEU B 229 0.44 -17.16 16.77
N SER B 230 0.68 -17.87 15.68
CA SER B 230 2.03 -18.21 15.27
C SER B 230 2.32 -17.19 14.17
N PHE B 231 3.09 -16.17 14.53
CA PHE B 231 3.42 -15.12 13.58
C PHE B 231 4.82 -15.25 13.01
N ASP B 232 4.89 -15.51 11.72
CA ASP B 232 6.15 -15.64 11.02
C ASP B 232 6.45 -14.29 10.42
N VAL B 233 7.44 -13.59 10.98
CA VAL B 233 7.82 -12.25 10.54
C VAL B 233 7.95 -12.04 9.02
N ASP B 234 8.10 -13.09 8.23
CA ASP B 234 8.21 -12.86 6.79
C ASP B 234 6.87 -12.68 6.11
N GLY B 235 5.80 -12.71 6.89
CA GLY B 235 4.46 -12.54 6.34
C GLY B 235 4.16 -11.10 5.99
N LEU B 236 5.09 -10.20 6.31
CA LEU B 236 4.92 -8.80 5.95
C LEU B 236 5.76 -8.63 4.72
N ASP B 237 5.54 -7.60 3.92
CA ASP B 237 6.37 -7.45 2.74
C ASP B 237 7.81 -7.22 3.21
N PRO B 238 8.80 -7.68 2.42
CA PRO B 238 10.23 -7.55 2.71
C PRO B 238 10.66 -6.13 3.14
N VAL B 239 9.90 -5.14 2.67
CA VAL B 239 10.17 -3.75 2.98
C VAL B 239 10.10 -3.47 4.47
N PHE B 240 9.16 -4.10 5.16
CA PHE B 240 8.99 -3.82 6.57
C PHE B 240 9.80 -4.69 7.50
N THR B 241 9.96 -5.95 7.12
CA THR B 241 10.72 -6.91 7.91
C THR B 241 11.76 -7.55 6.98
N PRO B 242 12.73 -6.75 6.50
CA PRO B 242 13.78 -7.24 5.60
C PRO B 242 14.76 -8.28 6.11
N ALA B 243 14.98 -8.36 7.42
CA ALA B 243 15.93 -9.33 7.97
C ALA B 243 15.35 -10.72 8.32
N THR B 244 15.16 -11.57 7.31
CA THR B 244 14.63 -12.93 7.51
C THR B 244 15.25 -13.89 6.51
N GLY B 245 14.97 -15.17 6.70
CA GLY B 245 15.49 -16.19 5.81
C GLY B 245 14.83 -16.20 4.45
N THR B 246 13.51 -16.17 4.42
CA THR B 246 12.79 -16.21 3.16
C THR B 246 11.94 -14.99 2.81
N PRO B 247 12.57 -13.93 2.29
CA PRO B 247 11.77 -12.75 1.94
C PRO B 247 10.93 -13.11 0.73
N VAL B 248 9.74 -12.54 0.64
CA VAL B 248 8.86 -12.79 -0.51
C VAL B 248 8.11 -11.51 -0.75
N VAL B 249 8.23 -10.95 -1.94
CA VAL B 249 7.55 -9.68 -2.19
C VAL B 249 6.03 -9.82 -2.23
N GLY B 250 5.37 -8.67 -2.24
CA GLY B 250 3.93 -8.62 -2.32
C GLY B 250 3.16 -9.19 -1.15
N GLY B 251 3.67 -8.97 0.07
CA GLY B 251 3.00 -9.50 1.24
C GLY B 251 2.29 -8.46 2.07
N LEU B 252 1.88 -8.86 3.26
CA LEU B 252 1.17 -7.97 4.17
C LEU B 252 2.01 -6.72 4.43
N SER B 253 1.35 -5.62 4.75
CA SER B 253 2.02 -4.37 5.02
C SER B 253 2.05 -4.14 6.52
N TYR B 254 2.91 -3.22 6.95
CA TYR B 254 3.06 -2.92 8.37
C TYR B 254 1.70 -2.62 9.00
N ARG B 255 0.87 -1.77 8.37
CA ARG B 255 -0.48 -1.45 8.87
C ARG B 255 -1.37 -2.70 8.99
N GLU B 256 -1.39 -3.51 7.93
CA GLU B 256 -2.19 -4.72 7.92
C GLU B 256 -1.79 -5.63 9.06
N GLY B 257 -0.48 -5.76 9.28
CA GLY B 257 0.03 -6.63 10.33
C GLY B 257 -0.35 -6.17 11.72
N LEU B 258 -0.44 -4.86 11.90
CA LEU B 258 -0.82 -4.34 13.19
C LEU B 258 -2.32 -4.49 13.36
N TYR B 259 -3.06 -4.39 12.27
CA TYR B 259 -4.50 -4.53 12.37
C TYR B 259 -4.82 -5.97 12.72
N ILE B 260 -4.08 -6.92 12.15
CA ILE B 260 -4.37 -8.32 12.44
C ILE B 260 -4.08 -8.66 13.91
N THR B 261 -3.01 -8.10 14.44
CA THR B 261 -2.71 -8.36 15.83
C THR B 261 -3.64 -7.56 16.75
N GLU B 262 -4.15 -6.42 16.26
CA GLU B 262 -5.05 -5.56 17.04
C GLU B 262 -6.40 -6.23 17.26
N GLU B 263 -6.94 -6.80 16.18
CA GLU B 263 -8.22 -7.46 16.22
C GLU B 263 -8.15 -8.72 17.09
N ILE B 264 -7.04 -9.46 16.97
CA ILE B 264 -6.90 -10.66 17.77
C ILE B 264 -6.91 -10.31 19.24
N TYR B 265 -6.34 -9.16 19.58
CA TYR B 265 -6.30 -8.71 20.98
C TYR B 265 -7.72 -8.51 21.49
N LYS B 266 -8.50 -7.75 20.71
CA LYS B 266 -9.87 -7.45 21.04
C LYS B 266 -10.72 -8.69 21.26
N THR B 267 -10.33 -9.84 20.71
CA THR B 267 -11.12 -11.05 20.93
C THR B 267 -10.91 -11.55 22.35
N GLY B 268 -9.98 -10.93 23.07
CA GLY B 268 -9.68 -11.33 24.43
C GLY B 268 -9.29 -12.81 24.61
N LEU B 269 -9.11 -13.54 23.50
CA LEU B 269 -8.77 -14.96 23.56
C LEU B 269 -7.32 -15.37 23.28
N LEU B 270 -6.41 -14.39 23.25
CA LEU B 270 -5.01 -14.72 22.98
C LEU B 270 -4.37 -15.53 24.09
N SER B 271 -3.97 -16.76 23.79
CA SER B 271 -3.33 -17.63 24.78
C SER B 271 -1.85 -17.91 24.52
N GLY B 272 -1.46 -17.93 23.25
CA GLY B 272 -0.09 -18.20 22.91
C GLY B 272 0.37 -17.43 21.69
N LEU B 273 1.63 -17.00 21.72
CA LEU B 273 2.18 -16.21 20.62
C LEU B 273 3.53 -16.71 20.16
N ASP B 274 3.77 -16.55 18.86
CA ASP B 274 5.04 -16.95 18.30
C ASP B 274 5.59 -15.81 17.47
N ILE B 275 6.71 -15.25 17.92
CA ILE B 275 7.37 -14.18 17.19
C ILE B 275 8.60 -14.85 16.59
N MET B 276 8.35 -15.63 15.54
CA MET B 276 9.39 -16.39 14.86
C MET B 276 10.09 -15.71 13.69
N GLU B 277 11.19 -16.33 13.29
CA GLU B 277 12.03 -15.94 12.16
C GLU B 277 12.82 -14.64 12.10
N VAL B 278 13.00 -13.94 13.22
CA VAL B 278 13.78 -12.69 13.19
C VAL B 278 15.29 -12.99 13.21
N ASN B 279 15.99 -12.68 12.11
CA ASN B 279 17.44 -12.97 11.98
C ASN B 279 18.34 -11.74 11.87
N PRO B 280 18.74 -11.15 13.02
CA PRO B 280 19.60 -9.96 13.12
C PRO B 280 20.81 -9.88 12.20
N THR B 281 21.21 -10.98 11.60
CA THR B 281 22.39 -10.97 10.75
C THR B 281 22.10 -10.88 9.25
N LEU B 282 20.82 -10.89 8.87
CA LEU B 282 20.49 -10.83 7.46
C LEU B 282 20.16 -9.45 6.90
N GLY B 283 20.35 -8.43 7.71
CA GLY B 283 20.05 -7.09 7.22
C GLY B 283 21.17 -6.41 6.44
N LYS B 284 20.88 -6.04 5.19
CA LYS B 284 21.86 -5.37 4.34
C LYS B 284 22.45 -4.11 4.97
N THR B 285 21.75 -3.54 5.94
CA THR B 285 22.23 -2.36 6.66
C THR B 285 21.68 -2.39 8.08
N PRO B 286 22.35 -1.72 9.01
CA PRO B 286 21.85 -1.72 10.37
C PRO B 286 20.40 -1.34 10.39
N GLU B 287 20.05 -0.37 9.56
CA GLU B 287 18.69 0.11 9.47
C GLU B 287 17.72 -1.05 9.35
N GLU B 288 17.87 -1.81 8.28
CA GLU B 288 16.99 -2.94 8.03
C GLU B 288 16.75 -3.83 9.23
N VAL B 289 17.81 -4.23 9.92
CA VAL B 289 17.64 -5.08 11.12
C VAL B 289 16.80 -4.35 12.16
N THR B 290 17.13 -3.10 12.43
CA THR B 290 16.39 -2.30 13.38
C THR B 290 14.93 -2.20 12.97
N ARG B 291 14.70 -1.97 11.69
CA ARG B 291 13.35 -1.86 11.15
C ARG B 291 12.58 -3.14 11.51
N THR B 292 13.21 -4.28 11.21
CA THR B 292 12.65 -5.60 11.44
C THR B 292 12.42 -5.96 12.89
N VAL B 293 13.39 -5.69 13.75
CA VAL B 293 13.26 -6.00 15.18
C VAL B 293 12.18 -5.15 15.82
N ASN B 294 12.05 -3.93 15.33
CA ASN B 294 11.05 -3.06 15.89
C ASN B 294 9.63 -3.41 15.49
N THR B 295 9.39 -3.76 14.23
CA THR B 295 8.02 -4.07 13.88
C THR B 295 7.62 -5.36 14.58
N ALA B 296 8.58 -6.25 14.77
CA ALA B 296 8.32 -7.51 15.47
C ALA B 296 7.87 -7.14 16.87
N VAL B 297 8.67 -6.32 17.53
CA VAL B 297 8.33 -5.86 18.86
C VAL B 297 6.92 -5.29 18.84
N ALA B 298 6.74 -4.22 18.06
CA ALA B 298 5.46 -3.53 17.90
C ALA B 298 4.28 -4.45 17.66
N LEU B 299 4.47 -5.48 16.84
CA LEU B 299 3.38 -6.41 16.57
C LEU B 299 3.01 -7.15 17.85
N THR B 300 4.01 -7.52 18.64
CA THR B 300 3.77 -8.19 19.90
C THR B 300 2.98 -7.30 20.89
N LEU B 301 3.38 -6.05 21.07
CA LEU B 301 2.66 -5.14 21.96
C LEU B 301 1.21 -4.93 21.54
N SER B 302 0.94 -5.06 20.24
CA SER B 302 -0.39 -4.87 19.70
C SER B 302 -1.25 -6.01 20.22
N CYS B 303 -0.67 -7.20 20.24
CA CYS B 303 -1.37 -8.37 20.69
C CYS B 303 -1.83 -8.22 22.13
N PHE B 304 -1.15 -7.36 22.88
CA PHE B 304 -1.47 -7.19 24.28
C PHE B 304 -1.92 -5.80 24.66
N GLY B 305 -2.79 -5.19 23.88
CA GLY B 305 -3.26 -3.88 24.25
C GLY B 305 -2.94 -2.68 23.39
N THR B 306 -1.68 -2.26 23.35
CA THR B 306 -1.23 -1.10 22.56
C THR B 306 -2.07 -0.85 21.31
N LYS B 307 -2.88 0.20 21.35
CA LYS B 307 -3.74 0.56 20.21
C LYS B 307 -3.22 1.83 19.55
N ARG B 308 -3.42 1.94 18.24
CA ARG B 308 -2.94 3.12 17.53
C ARG B 308 -3.71 4.38 17.87
N GLU B 309 -5.00 4.23 18.17
CA GLU B 309 -5.81 5.37 18.56
C GLU B 309 -5.26 5.90 19.89
N GLY B 310 -4.42 5.11 20.56
CA GLY B 310 -3.84 5.51 21.84
C GLY B 310 -4.44 4.85 23.08
N ASN B 311 -3.71 4.92 24.20
CA ASN B 311 -4.18 4.33 25.44
C ASN B 311 -3.96 5.26 26.64
N HIS B 312 -4.83 5.11 27.64
CA HIS B 312 -4.75 5.90 28.89
C HIS B 312 -5.11 4.97 30.05
N LYS B 313 -4.49 5.19 31.20
CA LYS B 313 -4.75 4.35 32.37
C LYS B 313 -6.11 4.61 33.04
N PRO B 314 -6.91 3.56 33.23
CA PRO B 314 -8.23 3.69 33.86
C PRO B 314 -8.18 4.36 35.23
N GLU B 315 -9.34 4.87 35.66
CA GLU B 315 -9.46 5.52 36.95
C GLU B 315 -8.54 6.72 37.16
N THR B 316 -7.88 7.17 36.09
CA THR B 316 -7.02 8.33 36.19
C THR B 316 -7.60 9.47 35.35
N ASP B 317 -7.88 10.59 36.02
CA ASP B 317 -8.44 11.78 35.38
C ASP B 317 -7.29 12.71 35.02
N TYR B 318 -6.85 12.64 33.76
CA TYR B 318 -5.73 13.44 33.28
C TYR B 318 -6.01 14.94 33.21
N LEU B 319 -7.22 15.34 33.60
CA LEU B 319 -7.58 16.75 33.60
C LEU B 319 -7.66 17.26 35.04
N LYS C 6 -14.41 31.64 -8.11
CA LYS C 6 -14.06 31.89 -6.69
C LYS C 6 -12.56 32.18 -6.52
N PRO C 7 -12.21 33.16 -5.66
CA PRO C 7 -10.79 33.52 -5.43
C PRO C 7 -10.02 32.61 -4.46
N ILE C 8 -8.69 32.64 -4.56
CA ILE C 8 -7.80 31.86 -3.71
C ILE C 8 -6.65 32.77 -3.25
N GLU C 9 -6.25 32.66 -1.99
CA GLU C 9 -5.14 33.49 -1.53
C GLU C 9 -4.09 32.76 -0.71
N ILE C 10 -2.89 32.72 -1.26
CA ILE C 10 -1.75 32.08 -0.63
C ILE C 10 -1.12 32.98 0.43
N ILE C 11 -0.99 32.45 1.65
CA ILE C 11 -0.42 33.19 2.75
C ILE C 11 0.82 32.48 3.23
N GLY C 12 2.01 32.98 3.05
CA GLY C 12 3.11 32.25 3.66
C GLY C 12 3.18 32.59 5.19
N ALA C 13 3.57 31.63 6.07
CA ALA C 13 3.66 31.89 7.56
C ALA C 13 4.90 31.23 8.08
N PRO C 14 5.98 31.80 7.57
CA PRO C 14 7.38 31.29 7.82
C PRO C 14 7.76 31.13 9.20
N PHE C 15 7.05 30.35 9.94
CA PHE C 15 7.29 30.37 11.38
C PHE C 15 7.81 29.02 11.86
N SER C 16 8.58 29.01 12.94
CA SER C 16 9.10 27.75 13.42
C SER C 16 9.38 27.64 14.93
N LYS C 17 8.89 28.57 15.72
CA LYS C 17 9.10 28.48 17.16
C LYS C 17 8.05 27.55 17.81
N GLY C 18 7.24 26.89 16.98
CA GLY C 18 6.24 26.00 17.51
C GLY C 18 6.87 24.71 17.95
N GLN C 19 8.08 24.47 17.45
CA GLN C 19 8.86 23.26 17.76
C GLN C 19 10.37 23.56 17.72
N PRO C 20 11.19 22.69 18.34
CA PRO C 20 12.64 22.87 18.39
C PRO C 20 13.47 22.79 17.09
N ARG C 21 13.14 21.85 16.20
CA ARG C 21 13.87 21.67 14.95
C ARG C 21 13.76 22.82 13.93
N GLY C 22 14.88 23.46 13.63
CA GLY C 22 14.84 24.56 12.69
C GLY C 22 14.75 24.11 11.24
N GLY C 23 14.14 24.93 10.39
CA GLY C 23 14.02 24.56 8.99
C GLY C 23 12.64 24.81 8.39
N VAL C 24 11.60 24.54 9.17
CA VAL C 24 10.23 24.71 8.70
C VAL C 24 9.86 26.09 8.20
N GLU C 25 10.55 27.12 8.66
CA GLU C 25 10.24 28.47 8.18
C GLU C 25 10.60 28.53 6.69
N LYS C 26 11.43 27.57 6.25
CA LYS C 26 11.81 27.48 4.84
C LYS C 26 10.75 26.70 4.07
N GLY C 27 9.65 26.40 4.75
CA GLY C 27 8.57 25.65 4.13
C GLY C 27 7.90 26.34 2.96
N PRO C 28 7.13 27.41 3.21
CA PRO C 28 6.43 28.14 2.13
C PRO C 28 7.35 28.52 0.97
N ALA C 29 8.62 28.76 1.28
CA ALA C 29 9.59 29.11 0.25
C ALA C 29 9.83 27.99 -0.74
N ALA C 30 9.89 26.76 -0.26
CA ALA C 30 10.11 25.63 -1.14
C ALA C 30 8.81 25.26 -1.87
N LEU C 31 7.68 25.39 -1.20
CA LEU C 31 6.40 25.08 -1.81
C LEU C 31 6.20 25.97 -3.03
N ARG C 32 6.56 27.24 -2.89
CA ARG C 32 6.43 28.17 -4.00
C ARG C 32 7.46 27.84 -5.08
N LYS C 33 8.69 27.57 -4.64
CA LYS C 33 9.81 27.23 -5.52
C LYS C 33 9.41 26.04 -6.38
N ALA C 34 8.46 25.25 -5.90
CA ALA C 34 7.99 24.07 -6.63
C ALA C 34 6.82 24.43 -7.52
N GLY C 35 6.58 25.73 -7.67
CA GLY C 35 5.51 26.21 -8.53
C GLY C 35 4.09 26.08 -8.02
N LEU C 36 3.89 26.21 -6.70
CA LEU C 36 2.54 26.07 -6.15
C LEU C 36 1.57 27.12 -6.70
N VAL C 37 2.05 28.34 -6.85
CA VAL C 37 1.20 29.38 -7.39
C VAL C 37 0.88 29.07 -8.84
N GLU C 38 1.90 29.20 -9.68
CA GLU C 38 1.78 28.93 -11.12
C GLU C 38 0.77 27.83 -11.42
N LYS C 39 1.04 26.65 -10.87
CA LYS C 39 0.16 25.51 -11.08
C LYS C 39 -1.27 25.86 -10.66
N LEU C 40 -1.40 26.44 -9.47
CA LEU C 40 -2.72 26.81 -8.96
C LEU C 40 -3.45 27.64 -9.99
N LYS C 41 -2.77 28.65 -10.52
CA LYS C 41 -3.40 29.51 -11.51
C LYS C 41 -4.09 28.73 -12.64
N GLU C 42 -3.44 27.66 -13.09
CA GLU C 42 -3.98 26.87 -14.18
C GLU C 42 -5.30 26.18 -13.92
N THR C 43 -5.86 26.35 -12.73
CA THR C 43 -7.15 25.73 -12.41
C THR C 43 -8.23 26.78 -12.57
N GLU C 44 -9.47 26.37 -12.34
CA GLU C 44 -10.62 27.26 -12.45
C GLU C 44 -10.74 28.27 -11.29
N TYR C 45 -9.62 28.61 -10.68
CA TYR C 45 -9.64 29.54 -9.55
C TYR C 45 -8.74 30.74 -9.75
N ASN C 46 -9.14 31.85 -9.13
CA ASN C 46 -8.39 33.09 -9.19
C ASN C 46 -7.33 32.99 -8.09
N VAL C 47 -6.08 33.16 -8.45
CA VAL C 47 -5.02 33.06 -7.45
C VAL C 47 -4.35 34.40 -7.18
N ARG C 48 -4.07 34.66 -5.91
CA ARG C 48 -3.41 35.90 -5.52
C ARG C 48 -2.45 35.64 -4.36
N ASP C 49 -1.15 35.81 -4.61
CA ASP C 49 -0.13 35.57 -3.59
C ASP C 49 0.03 36.79 -2.68
N HIS C 50 -0.42 36.64 -1.44
CA HIS C 50 -0.34 37.72 -0.45
C HIS C 50 1.09 37.87 0.10
N GLY C 51 1.95 36.94 -0.21
CA GLY C 51 3.32 37.02 0.23
C GLY C 51 3.49 36.33 1.59
N ASP C 52 4.71 36.34 2.15
CA ASP C 52 4.93 35.72 3.44
C ASP C 52 4.85 36.76 4.58
N LEU C 53 3.98 36.53 5.55
CA LEU C 53 3.86 37.45 6.68
C LEU C 53 5.24 37.55 7.32
N ALA C 54 5.54 38.70 7.92
CA ALA C 54 6.84 38.89 8.57
C ALA C 54 6.60 38.93 10.07
N PHE C 55 7.22 38.01 10.79
CA PHE C 55 7.04 37.95 12.23
C PHE C 55 8.17 38.63 13.00
N VAL C 56 7.79 39.42 14.01
CA VAL C 56 8.75 40.13 14.85
C VAL C 56 9.00 39.29 16.10
N ASP C 57 10.25 38.91 16.29
CA ASP C 57 10.65 38.07 17.43
C ASP C 57 10.56 38.75 18.79
N VAL C 58 9.70 38.20 19.65
CA VAL C 58 9.52 38.71 21.00
C VAL C 58 10.80 38.47 21.79
N PRO C 59 11.54 39.54 22.13
CA PRO C 59 12.79 39.39 22.89
C PRO C 59 12.50 39.04 24.35
N ASN C 60 13.37 38.21 24.93
CA ASN C 60 13.25 37.78 26.33
C ASN C 60 11.97 36.96 26.54
N ASP C 61 11.71 36.05 25.60
CA ASP C 61 10.53 35.22 25.65
C ASP C 61 10.75 33.99 26.54
N SER C 62 10.59 34.19 27.85
CA SER C 62 10.78 33.15 28.84
C SER C 62 9.74 32.05 28.72
N PRO C 63 10.12 30.80 29.00
CA PRO C 63 9.23 29.65 28.92
C PRO C 63 8.20 29.57 30.06
N PHE C 64 6.92 29.76 29.73
CA PHE C 64 5.81 29.73 30.69
C PHE C 64 5.66 28.35 31.32
N GLN C 65 6.50 28.05 32.31
CA GLN C 65 6.51 26.74 32.96
C GLN C 65 7.25 25.81 31.99
N ILE C 66 6.49 24.99 31.24
CA ILE C 66 7.11 24.09 30.25
C ILE C 66 6.94 24.69 28.86
N VAL C 67 5.76 25.26 28.61
CA VAL C 67 5.48 25.89 27.33
C VAL C 67 6.62 26.84 26.93
N LYS C 68 7.21 26.59 25.77
CA LYS C 68 8.32 27.40 25.27
C LYS C 68 7.91 28.45 24.22
N ASN C 69 8.62 29.56 24.19
CA ASN C 69 8.37 30.64 23.25
C ASN C 69 6.88 30.97 23.11
N PRO C 70 6.14 31.04 24.23
CA PRO C 70 4.70 31.36 24.23
C PRO C 70 4.33 32.68 23.58
N ARG C 71 5.11 33.71 23.90
CA ARG C 71 4.88 35.07 23.37
C ARG C 71 5.19 35.20 21.88
N SER C 72 6.23 34.51 21.42
CA SER C 72 6.60 34.57 20.02
C SER C 72 5.52 33.89 19.20
N VAL C 73 5.00 32.79 19.73
CA VAL C 73 3.96 32.03 19.05
C VAL C 73 2.59 32.69 19.18
N GLY C 74 2.34 33.31 20.33
CA GLY C 74 1.07 33.98 20.53
C GLY C 74 0.96 35.20 19.64
N LYS C 75 2.10 35.87 19.42
CA LYS C 75 2.14 37.07 18.59
C LYS C 75 2.12 36.72 17.10
N ALA C 76 2.76 35.61 16.77
CA ALA C 76 2.83 35.16 15.39
C ALA C 76 1.42 34.76 14.94
N ASN C 77 0.75 33.98 15.77
CA ASN C 77 -0.60 33.54 15.44
C ASN C 77 -1.60 34.68 15.49
N GLU C 78 -1.37 35.67 16.35
CA GLU C 78 -2.26 36.81 16.45
C GLU C 78 -2.26 37.55 15.10
N GLN C 79 -1.06 37.81 14.61
CA GLN C 79 -0.83 38.49 13.34
C GLN C 79 -1.54 37.77 12.18
N LEU C 80 -1.30 36.48 12.05
CA LEU C 80 -1.91 35.67 11.00
C LEU C 80 -3.43 35.67 11.06
N ALA C 81 -3.99 35.32 12.21
CA ALA C 81 -5.44 35.27 12.37
C ALA C 81 -6.09 36.50 11.77
N ALA C 82 -5.44 37.64 11.98
CA ALA C 82 -5.90 38.93 11.45
C ALA C 82 -5.95 38.90 9.92
N VAL C 83 -4.84 38.48 9.32
CA VAL C 83 -4.73 38.39 7.87
C VAL C 83 -5.73 37.40 7.27
N VAL C 84 -5.87 36.23 7.90
CA VAL C 84 -6.79 35.21 7.42
C VAL C 84 -8.25 35.70 7.48
N ALA C 85 -8.59 36.40 8.56
CA ALA C 85 -9.93 36.92 8.72
C ALA C 85 -10.23 37.86 7.57
N GLU C 86 -9.23 38.69 7.23
CA GLU C 86 -9.31 39.69 6.16
C GLU C 86 -9.65 39.15 4.78
N THR C 87 -8.89 38.16 4.33
CA THR C 87 -9.13 37.58 3.02
C THR C 87 -10.41 36.74 3.08
N GLN C 88 -10.72 36.20 4.25
CA GLN C 88 -11.96 35.43 4.39
C GLN C 88 -13.10 36.43 4.22
N LYS C 89 -12.93 37.59 4.84
CA LYS C 89 -13.89 38.69 4.79
C LYS C 89 -14.30 39.02 3.37
N ASN C 90 -13.31 39.25 2.50
CA ASN C 90 -13.54 39.61 1.11
C ASN C 90 -14.09 38.49 0.24
N GLY C 91 -14.44 37.36 0.87
CA GLY C 91 -14.99 36.23 0.12
C GLY C 91 -14.04 35.35 -0.66
N THR C 92 -12.80 35.22 -0.19
CA THR C 92 -11.81 34.39 -0.86
C THR C 92 -11.41 33.20 0.01
N ILE C 93 -10.80 32.18 -0.58
CA ILE C 93 -10.36 31.00 0.19
C ILE C 93 -8.92 31.25 0.62
N SER C 94 -8.65 31.09 1.92
CA SER C 94 -7.31 31.31 2.44
C SER C 94 -6.49 30.03 2.45
N VAL C 95 -5.30 30.09 1.89
CA VAL C 95 -4.45 28.92 1.87
C VAL C 95 -3.18 29.29 2.58
N VAL C 96 -2.95 28.65 3.72
CA VAL C 96 -1.78 28.93 4.53
C VAL C 96 -0.67 27.91 4.39
N LEU C 97 0.42 28.32 3.73
CA LEU C 97 1.60 27.48 3.58
C LEU C 97 2.33 27.81 4.87
N GLY C 98 3.18 26.94 5.36
CA GLY C 98 3.83 27.34 6.59
C GLY C 98 4.93 26.49 7.20
N GLY C 99 5.31 26.94 8.39
CA GLY C 99 6.32 26.27 9.19
C GLY C 99 5.54 25.30 10.03
N ASP C 100 5.81 25.23 11.33
CA ASP C 100 5.10 24.30 12.21
C ASP C 100 3.56 24.39 12.17
N HIS C 101 2.91 23.45 12.85
CA HIS C 101 1.46 23.37 12.90
C HIS C 101 0.86 24.24 13.99
N SER C 102 1.69 24.92 14.78
CA SER C 102 1.16 25.76 15.84
C SER C 102 0.45 26.96 15.21
N MET C 103 0.79 27.27 13.96
CA MET C 103 0.17 28.39 13.26
C MET C 103 -1.29 28.12 12.93
N ALA C 104 -1.75 26.91 13.24
CA ALA C 104 -3.13 26.54 12.99
C ALA C 104 -4.01 27.30 13.94
N ILE C 105 -3.46 27.65 15.10
CA ILE C 105 -4.21 28.42 16.09
C ILE C 105 -4.70 29.70 15.42
N GLY C 106 -3.76 30.42 14.79
CA GLY C 106 -4.09 31.65 14.11
C GLY C 106 -4.95 31.47 12.88
N SER C 107 -4.61 30.50 12.03
CA SER C 107 -5.38 30.22 10.83
C SER C 107 -6.86 29.91 11.11
N ILE C 108 -7.11 28.91 11.95
CA ILE C 108 -8.48 28.54 12.26
C ILE C 108 -9.23 29.65 12.99
N SER C 109 -8.50 30.47 13.74
CA SER C 109 -9.13 31.57 14.47
C SER C 109 -9.65 32.65 13.52
N GLY C 110 -8.74 33.22 12.73
CA GLY C 110 -9.12 34.24 11.78
C GLY C 110 -10.27 33.74 10.92
N HIS C 111 -10.24 32.46 10.56
CA HIS C 111 -11.29 31.86 9.73
C HIS C 111 -12.62 31.83 10.50
N ALA C 112 -12.59 31.29 11.71
CA ALA C 112 -13.80 31.19 12.53
C ALA C 112 -14.57 32.50 12.65
N ARG C 113 -13.85 33.61 12.75
CA ARG C 113 -14.47 34.93 12.88
C ARG C 113 -15.48 35.14 11.74
N VAL C 114 -14.98 35.17 10.51
CA VAL C 114 -15.82 35.35 9.32
C VAL C 114 -16.84 34.21 9.13
N HIS C 115 -16.50 32.99 9.57
CA HIS C 115 -17.40 31.84 9.48
C HIS C 115 -17.37 31.10 10.80
N PRO C 116 -18.21 31.51 11.75
CA PRO C 116 -18.25 30.86 13.07
C PRO C 116 -18.91 29.49 13.06
N ASP C 117 -19.40 29.06 11.89
CA ASP C 117 -20.06 27.76 11.83
C ASP C 117 -19.24 26.68 11.10
N LEU C 118 -17.99 26.98 10.81
CA LEU C 118 -17.12 26.03 10.12
C LEU C 118 -16.77 24.81 10.98
N CYS C 119 -16.44 23.73 10.29
CA CYS C 119 -16.05 22.48 10.94
C CYS C 119 -14.62 22.23 10.48
N VAL C 120 -13.90 21.41 11.23
CA VAL C 120 -12.51 21.11 10.91
C VAL C 120 -12.18 19.63 10.66
N ILE C 121 -11.59 19.37 9.50
CA ILE C 121 -11.14 18.02 9.14
C ILE C 121 -9.62 18.14 9.34
N TRP C 122 -9.11 17.39 10.32
CA TRP C 122 -7.68 17.44 10.69
C TRP C 122 -6.90 16.18 10.32
N VAL C 123 -6.28 16.21 9.14
CA VAL C 123 -5.48 15.08 8.68
C VAL C 123 -4.09 15.22 9.29
N ASP C 124 -3.79 14.34 10.25
CA ASP C 124 -2.51 14.40 10.95
C ASP C 124 -2.27 13.03 11.59
N ALA C 125 -1.02 12.73 11.93
CA ALA C 125 -0.72 11.46 12.60
C ALA C 125 -0.84 11.66 14.12
N HIS C 126 -0.85 12.93 14.53
CA HIS C 126 -0.96 13.31 15.93
C HIS C 126 -2.24 14.13 16.13
N THR C 127 -2.69 14.19 17.38
CA THR C 127 -3.89 14.96 17.70
C THR C 127 -3.60 16.45 17.92
N ASP C 128 -2.43 16.76 18.50
CA ASP C 128 -2.02 18.14 18.80
C ASP C 128 -3.07 18.79 19.69
N ILE C 129 -3.47 18.06 20.73
CA ILE C 129 -4.52 18.52 21.63
C ILE C 129 -3.99 18.48 23.06
N ASN C 130 -2.67 18.63 23.18
CA ASN C 130 -2.01 18.66 24.48
C ASN C 130 -2.24 20.06 25.04
N THR C 131 -2.57 20.16 26.33
CA THR C 131 -2.78 21.45 26.96
C THR C 131 -1.45 21.83 27.61
N PRO C 132 -1.22 23.12 27.85
CA PRO C 132 0.02 23.58 28.48
C PRO C 132 0.32 22.78 29.73
N LEU C 133 -0.68 22.04 30.19
CA LEU C 133 -0.56 21.19 31.38
C LEU C 133 -0.22 19.73 31.07
N THR C 134 -0.49 19.29 29.85
CA THR C 134 -0.20 17.91 29.54
C THR C 134 0.98 17.69 28.59
N THR C 135 1.55 18.75 28.03
CA THR C 135 2.70 18.52 27.15
C THR C 135 3.84 18.00 27.99
N SER C 136 4.77 17.33 27.35
CA SER C 136 5.93 16.79 28.04
C SER C 136 7.14 17.47 27.45
N SER C 137 6.89 18.29 26.44
CA SER C 137 7.95 19.00 25.75
C SER C 137 7.73 20.51 25.78
N GLY C 138 6.48 20.90 25.95
CA GLY C 138 6.17 22.32 25.97
C GLY C 138 6.06 22.90 24.57
N ASN C 139 6.55 22.16 23.57
CA ASN C 139 6.47 22.62 22.19
C ASN C 139 5.01 22.84 21.83
N LEU C 140 4.70 24.07 21.44
CA LEU C 140 3.34 24.47 21.11
C LEU C 140 2.73 23.86 19.86
N HIS C 141 3.56 23.44 18.92
CA HIS C 141 3.04 22.86 17.69
C HIS C 141 2.23 21.59 17.97
N GLY C 142 2.21 21.18 19.24
CA GLY C 142 1.47 19.99 19.61
C GLY C 142 0.32 20.31 20.55
N GLN C 143 -0.14 21.55 20.51
CA GLN C 143 -1.22 22.01 21.38
C GLN C 143 -2.28 22.87 20.69
N PRO C 144 -2.14 23.15 19.39
CA PRO C 144 -3.11 23.99 18.69
C PRO C 144 -4.56 23.73 19.03
N VAL C 145 -5.03 22.51 18.82
CA VAL C 145 -6.40 22.17 19.10
C VAL C 145 -6.82 22.57 20.51
N ALA C 146 -5.88 22.52 21.45
CA ALA C 146 -6.17 22.87 22.84
C ALA C 146 -6.66 24.31 23.03
N PHE C 147 -6.05 25.24 22.29
CA PHE C 147 -6.44 26.64 22.40
C PHE C 147 -7.73 26.95 21.66
N LEU C 148 -7.98 26.21 20.58
CA LEU C 148 -9.17 26.44 19.76
C LEU C 148 -10.45 25.77 20.27
N LEU C 149 -10.32 24.68 21.00
CA LEU C 149 -11.50 24.01 21.51
C LEU C 149 -12.20 24.78 22.61
N LYS C 150 -13.53 24.68 22.61
CA LYS C 150 -14.34 25.35 23.61
C LYS C 150 -14.35 24.58 24.93
N GLU C 151 -14.55 23.27 24.84
CA GLU C 151 -14.60 22.43 26.03
C GLU C 151 -13.32 22.48 26.83
N LEU C 152 -12.20 22.75 26.17
CA LEU C 152 -10.93 22.82 26.87
C LEU C 152 -10.68 24.23 27.40
N LYS C 153 -11.76 24.99 27.54
CA LYS C 153 -11.68 26.36 28.02
C LYS C 153 -11.42 26.43 29.52
N GLY C 154 -10.43 27.22 29.90
CA GLY C 154 -10.10 27.36 31.29
C GLY C 154 -9.82 26.03 31.96
N LYS C 155 -9.21 25.11 31.22
CA LYS C 155 -8.86 23.83 31.78
C LYS C 155 -7.37 23.86 31.98
N PHE C 156 -6.78 24.98 31.60
CA PHE C 156 -5.36 25.19 31.72
C PHE C 156 -5.08 26.68 31.91
N PRO C 157 -4.00 27.02 32.65
CA PRO C 157 -3.63 28.41 32.90
C PRO C 157 -3.43 29.23 31.63
N ASP C 158 -3.68 30.54 31.73
CA ASP C 158 -3.53 31.42 30.59
C ASP C 158 -2.06 31.57 30.26
N VAL C 159 -1.78 31.65 28.96
CA VAL C 159 -0.41 31.75 28.47
C VAL C 159 -0.07 33.15 27.95
N PRO C 160 1.20 33.56 28.13
CA PRO C 160 1.72 34.86 27.69
C PRO C 160 1.64 35.10 26.18
N GLY C 161 0.61 35.80 25.74
CA GLY C 161 0.47 36.08 24.33
C GLY C 161 -0.73 35.52 23.61
N PHE C 162 -1.44 34.58 24.24
CA PHE C 162 -2.62 34.00 23.59
C PHE C 162 -3.92 34.59 24.11
N SER C 163 -3.79 35.64 24.90
CA SER C 163 -4.95 36.30 25.47
C SER C 163 -6.01 36.55 24.39
N TRP C 164 -5.56 37.04 23.23
CA TRP C 164 -6.41 37.37 22.09
C TRP C 164 -7.25 36.22 21.54
N VAL C 165 -6.95 34.99 21.94
CA VAL C 165 -7.69 33.84 21.42
C VAL C 165 -9.02 33.56 22.11
N THR C 166 -9.95 33.04 21.33
CA THR C 166 -11.28 32.71 21.81
C THR C 166 -11.65 31.32 21.34
N PRO C 167 -11.84 30.37 22.28
CA PRO C 167 -12.21 29.01 21.89
C PRO C 167 -13.47 29.08 21.03
N CYS C 168 -13.26 29.09 19.72
CA CYS C 168 -14.35 29.22 18.77
C CYS C 168 -15.09 27.96 18.31
N ILE C 169 -14.43 26.81 18.28
CA ILE C 169 -15.08 25.57 17.83
C ILE C 169 -15.16 24.54 18.95
N SER C 170 -16.17 23.68 18.85
CA SER C 170 -16.37 22.64 19.86
C SER C 170 -15.89 21.30 19.34
N ALA C 171 -15.88 20.29 20.22
CA ALA C 171 -15.42 18.95 19.84
C ALA C 171 -16.37 18.18 18.90
N LYS C 172 -17.50 18.77 18.57
CA LYS C 172 -18.44 18.10 17.66
C LYS C 172 -18.37 18.71 16.27
N ASP C 173 -17.35 19.53 16.04
CA ASP C 173 -17.18 20.17 14.73
C ASP C 173 -15.82 19.84 14.14
N ILE C 174 -15.07 18.99 14.83
CA ILE C 174 -13.73 18.55 14.41
C ILE C 174 -13.69 17.05 14.15
N VAL C 175 -12.88 16.66 13.16
CA VAL C 175 -12.71 15.25 12.83
C VAL C 175 -11.24 14.94 12.50
N TYR C 176 -10.74 13.85 13.08
CA TYR C 176 -9.36 13.42 12.85
C TYR C 176 -9.31 12.28 11.86
N ILE C 177 -8.27 12.27 11.03
CA ILE C 177 -8.04 11.21 10.06
C ILE C 177 -6.54 11.02 9.89
N GLY C 178 -6.02 9.88 10.34
CA GLY C 178 -4.61 9.59 10.20
C GLY C 178 -3.86 9.29 11.47
N LEU C 179 -4.52 9.55 12.61
CA LEU C 179 -3.94 9.33 13.94
C LEU C 179 -3.32 7.94 14.08
N ARG C 180 -2.14 7.92 14.66
CA ARG C 180 -1.40 6.68 14.88
C ARG C 180 -0.36 6.82 15.98
N ASP C 181 -0.18 8.03 16.48
CA ASP C 181 0.78 8.31 17.54
C ASP C 181 0.17 9.32 18.49
N VAL C 182 -0.60 8.82 19.46
CA VAL C 182 -1.29 9.68 20.42
C VAL C 182 -0.79 9.51 21.85
N ASP C 183 -0.50 10.61 22.53
CA ASP C 183 -0.03 10.56 23.91
C ASP C 183 -1.12 10.04 24.82
N PRO C 184 -0.74 9.60 26.04
CA PRO C 184 -1.74 9.08 26.98
C PRO C 184 -2.80 10.17 27.24
N GLY C 185 -2.34 11.34 27.68
CA GLY C 185 -3.24 12.45 27.94
C GLY C 185 -4.10 12.85 26.74
N GLU C 186 -3.46 13.03 25.58
CA GLU C 186 -4.19 13.39 24.36
C GLU C 186 -5.33 12.40 24.12
N HIS C 187 -5.06 11.11 24.35
CA HIS C 187 -6.10 10.09 24.14
C HIS C 187 -7.22 10.27 25.15
N TYR C 188 -6.85 10.64 26.37
CA TYR C 188 -7.81 10.87 27.44
C TYR C 188 -8.78 11.97 26.99
N ILE C 189 -8.23 13.12 26.62
CA ILE C 189 -9.01 14.26 26.19
C ILE C 189 -9.98 13.94 25.05
N ILE C 190 -9.52 13.22 24.03
CA ILE C 190 -10.38 12.89 22.88
C ILE C 190 -11.44 11.82 23.18
N LYS C 191 -11.23 11.05 24.24
CA LYS C 191 -12.19 10.03 24.62
C LYS C 191 -13.15 10.70 25.59
N THR C 192 -12.64 11.66 26.35
CA THR C 192 -13.44 12.41 27.32
C THR C 192 -14.45 13.30 26.61
N LEU C 193 -13.98 14.08 25.65
CA LEU C 193 -14.80 15.02 24.89
C LEU C 193 -15.53 14.41 23.70
N GLY C 194 -15.64 13.08 23.67
CA GLY C 194 -16.33 12.44 22.57
C GLY C 194 -16.01 12.99 21.18
N ILE C 195 -14.74 13.26 20.91
CA ILE C 195 -14.29 13.79 19.63
C ILE C 195 -14.34 12.70 18.57
N LYS C 196 -14.71 13.03 17.33
CA LYS C 196 -14.78 12.03 16.25
C LYS C 196 -13.45 11.92 15.51
N TYR C 197 -13.02 10.69 15.27
CA TYR C 197 -11.75 10.49 14.61
C TYR C 197 -11.65 9.13 13.95
N PHE C 198 -10.67 9.01 13.07
CA PHE C 198 -10.40 7.78 12.36
C PHE C 198 -8.89 7.56 12.48
N SER C 199 -8.52 6.57 13.29
CA SER C 199 -7.12 6.26 13.48
C SER C 199 -6.72 5.32 12.36
N MET C 200 -5.42 5.18 12.11
CA MET C 200 -5.00 4.31 11.04
C MET C 200 -5.68 2.97 11.14
N THR C 201 -6.02 2.53 12.34
CA THR C 201 -6.67 1.24 12.44
C THR C 201 -8.05 1.33 11.79
N GLU C 202 -8.78 2.42 12.04
CA GLU C 202 -10.11 2.58 11.45
C GLU C 202 -9.97 2.67 9.95
N VAL C 203 -9.02 3.48 9.50
CA VAL C 203 -8.77 3.62 8.07
C VAL C 203 -8.52 2.24 7.47
N ASP C 204 -7.83 1.39 8.21
CA ASP C 204 -7.52 0.04 7.75
C ASP C 204 -8.75 -0.82 7.66
N LYS C 205 -9.54 -0.81 8.73
CA LYS C 205 -10.77 -1.59 8.75
C LYS C 205 -11.77 -1.11 7.68
N LEU C 206 -12.06 0.18 7.69
CA LEU C 206 -13.04 0.79 6.79
C LEU C 206 -12.69 1.07 5.32
N GLY C 207 -11.44 1.45 5.04
CA GLY C 207 -11.07 1.80 3.67
C GLY C 207 -11.20 3.31 3.63
N ILE C 208 -10.39 4.00 2.83
CA ILE C 208 -10.47 5.45 2.82
C ILE C 208 -11.79 5.96 2.30
N GLY C 209 -12.33 5.26 1.31
CA GLY C 209 -13.62 5.67 0.76
C GLY C 209 -14.68 5.86 1.82
N LYS C 210 -14.92 4.82 2.60
CA LYS C 210 -15.92 4.85 3.66
C LYS C 210 -15.58 5.85 4.75
N VAL C 211 -14.29 6.09 4.97
CA VAL C 211 -13.88 7.03 5.98
C VAL C 211 -14.45 8.39 5.62
N MET C 212 -14.07 8.91 4.46
CA MET C 212 -14.56 10.21 4.00
C MET C 212 -16.08 10.26 3.99
N GLU C 213 -16.71 9.15 3.63
CA GLU C 213 -18.17 9.08 3.57
C GLU C 213 -18.71 9.42 4.94
N GLU C 214 -18.27 8.70 5.97
CA GLU C 214 -18.73 8.96 7.32
C GLU C 214 -18.33 10.34 7.87
N THR C 215 -17.18 10.84 7.44
CA THR C 215 -16.70 12.13 7.93
C THR C 215 -17.58 13.27 7.49
N PHE C 216 -18.12 13.16 6.28
CA PHE C 216 -19.00 14.19 5.76
C PHE C 216 -20.40 14.10 6.35
N SER C 217 -21.00 12.91 6.31
CA SER C 217 -22.34 12.75 6.88
C SER C 217 -22.34 13.03 8.39
N TYR C 218 -21.16 13.11 8.98
CA TYR C 218 -21.04 13.40 10.41
C TYR C 218 -20.85 14.89 10.63
N LEU C 219 -20.28 15.58 9.66
CA LEU C 219 -20.00 17.01 9.79
C LEU C 219 -20.91 17.92 8.94
N LEU C 220 -21.52 17.34 7.92
CA LEU C 220 -22.39 18.08 7.02
C LEU C 220 -23.76 17.42 6.96
N GLY C 221 -23.97 16.46 7.87
CA GLY C 221 -25.24 15.75 7.92
C GLY C 221 -26.40 16.71 7.99
N ARG C 222 -26.50 17.45 9.10
CA ARG C 222 -27.58 18.42 9.29
C ARG C 222 -27.37 19.62 8.35
N LYS C 223 -26.54 20.56 8.79
CA LYS C 223 -26.24 21.77 8.04
C LYS C 223 -24.95 21.64 7.20
N LYS C 224 -24.97 22.19 5.99
CA LYS C 224 -23.80 22.16 5.11
C LYS C 224 -22.96 23.39 5.43
N ARG C 225 -21.93 23.24 6.26
CA ARG C 225 -21.10 24.39 6.62
C ARG C 225 -19.74 24.44 5.93
N PRO C 226 -19.00 25.56 6.12
CA PRO C 226 -17.67 25.68 5.49
C PRO C 226 -16.75 24.61 6.08
N ILE C 227 -15.74 24.23 5.32
CA ILE C 227 -14.78 23.21 5.78
C ILE C 227 -13.38 23.79 5.88
N HIS C 228 -12.70 23.55 7.00
CA HIS C 228 -11.34 24.03 7.13
C HIS C 228 -10.48 22.78 7.15
N LEU C 229 -9.61 22.65 6.16
CA LEU C 229 -8.73 21.49 6.11
C LEU C 229 -7.34 21.86 6.61
N SER C 230 -7.02 21.34 7.79
CA SER C 230 -5.72 21.56 8.37
C SER C 230 -4.96 20.26 8.05
N PHE C 231 -4.14 20.32 7.03
CA PHE C 231 -3.37 19.15 6.63
C PHE C 231 -1.91 19.19 7.11
N ASP C 232 -1.59 18.23 7.99
CA ASP C 232 -0.25 18.09 8.53
C ASP C 232 0.46 17.03 7.69
N VAL C 233 1.41 17.48 6.87
CA VAL C 233 2.15 16.62 5.97
C VAL C 233 2.68 15.31 6.54
N ASP C 234 2.77 15.18 7.86
CA ASP C 234 3.27 13.93 8.40
C ASP C 234 2.18 12.87 8.52
N GLY C 235 0.97 13.23 8.11
CA GLY C 235 -0.14 12.29 8.14
C GLY C 235 -0.06 11.23 7.05
N LEU C 236 0.95 11.34 6.19
CA LEU C 236 1.18 10.34 5.14
C LEU C 236 2.33 9.50 5.68
N ASP C 237 2.51 8.29 5.20
CA ASP C 237 3.61 7.49 5.70
C ASP C 237 4.90 8.22 5.33
N PRO C 238 5.95 8.10 6.18
CA PRO C 238 7.26 8.73 6.01
C PRO C 238 7.87 8.53 4.62
N VAL C 239 7.46 7.45 3.96
CA VAL C 239 7.92 7.12 2.60
C VAL C 239 7.58 8.21 1.58
N PHE C 240 6.38 8.77 1.70
CA PHE C 240 5.92 9.77 0.75
C PHE C 240 6.28 11.19 1.11
N THR C 241 6.24 11.50 2.40
CA THR C 241 6.58 12.83 2.87
C THR C 241 7.69 12.74 3.94
N PRO C 242 8.87 12.18 3.58
CA PRO C 242 10.00 12.01 4.50
C PRO C 242 10.59 13.23 5.19
N ALA C 243 10.45 14.41 4.61
CA ALA C 243 11.02 15.63 5.21
C ALA C 243 10.14 16.41 6.23
N THR C 244 10.00 15.87 7.44
CA THR C 244 9.19 16.51 8.48
C THR C 244 9.85 16.33 9.82
N GLY C 245 9.27 16.99 10.84
CA GLY C 245 9.78 16.89 12.18
C GLY C 245 9.46 15.57 12.86
N THR C 246 8.21 15.12 12.81
CA THR C 246 7.83 13.87 13.44
C THR C 246 7.34 12.76 12.52
N PRO C 247 8.26 12.03 11.87
CA PRO C 247 7.81 10.95 10.99
C PRO C 247 7.23 9.84 11.85
N VAL C 248 6.21 9.15 11.35
CA VAL C 248 5.61 8.04 12.09
C VAL C 248 5.21 7.02 11.05
N VAL C 249 5.71 5.80 11.17
CA VAL C 249 5.41 4.78 10.17
C VAL C 249 3.94 4.35 10.19
N GLY C 250 3.56 3.57 9.18
CA GLY C 250 2.21 3.05 9.07
C GLY C 250 1.12 4.10 8.91
N GLY C 251 1.36 5.15 8.15
CA GLY C 251 0.36 6.18 7.99
C GLY C 251 -0.28 6.17 6.62
N LEU C 252 -1.09 7.20 6.35
CA LEU C 252 -1.77 7.34 5.08
C LEU C 252 -0.81 7.20 3.91
N SER C 253 -1.31 6.75 2.77
CA SER C 253 -0.46 6.61 1.59
C SER C 253 -0.72 7.77 0.65
N TYR C 254 0.18 7.96 -0.31
CA TYR C 254 0.06 9.06 -1.27
C TYR C 254 -1.32 9.04 -1.95
N ARG C 255 -1.80 7.87 -2.37
CA ARG C 255 -3.13 7.72 -3.00
C ARG C 255 -4.22 8.12 -2.03
N GLU C 256 -4.16 7.60 -0.81
CA GLU C 256 -5.15 7.89 0.20
C GLU C 256 -5.25 9.39 0.47
N GLY C 257 -4.11 10.05 0.51
CA GLY C 257 -4.08 11.49 0.79
C GLY C 257 -4.70 12.34 -0.34
N LEU C 258 -4.53 11.87 -1.57
CA LEU C 258 -5.08 12.56 -2.71
C LEU C 258 -6.57 12.29 -2.72
N TYR C 259 -6.99 11.09 -2.36
CA TYR C 259 -8.41 10.79 -2.36
C TYR C 259 -9.10 11.63 -1.32
N ILE C 260 -8.45 11.80 -0.16
CA ILE C 260 -9.09 12.59 0.87
C ILE C 260 -9.23 14.06 0.40
N THR C 261 -8.22 14.59 -0.28
CA THR C 261 -8.32 15.98 -0.74
C THR C 261 -9.25 16.09 -1.95
N GLU C 262 -9.41 14.97 -2.68
CA GLU C 262 -10.27 14.94 -3.89
C GLU C 262 -11.72 15.00 -3.49
N GLU C 263 -12.10 14.22 -2.48
CA GLU C 263 -13.46 14.20 -2.00
C GLU C 263 -13.85 15.52 -1.35
N ILE C 264 -12.94 16.10 -0.57
CA ILE C 264 -13.25 17.37 0.06
C ILE C 264 -13.53 18.43 -1.02
N TYR C 265 -12.80 18.36 -2.12
CA TYR C 265 -13.01 19.32 -3.22
C TYR C 265 -14.44 19.20 -3.73
N LYS C 266 -14.83 17.96 -4.00
CA LYS C 266 -16.15 17.67 -4.51
C LYS C 266 -17.29 18.18 -3.60
N THR C 267 -17.01 18.42 -2.33
CA THR C 267 -18.08 18.90 -1.46
C THR C 267 -18.30 20.38 -1.72
N GLY C 268 -17.43 20.96 -2.54
CA GLY C 268 -17.52 22.38 -2.87
C GLY C 268 -17.52 23.31 -1.66
N LEU C 269 -17.24 22.76 -0.48
CA LEU C 269 -17.24 23.58 0.72
C LEU C 269 -15.88 23.98 1.28
N LEU C 270 -14.81 23.81 0.51
CA LEU C 270 -13.48 24.17 1.01
C LEU C 270 -13.30 25.67 1.17
N SER C 271 -13.13 26.13 2.41
CA SER C 271 -12.93 27.55 2.69
C SER C 271 -11.51 27.92 3.16
N GLY C 272 -10.86 27.00 3.86
CA GLY C 272 -9.53 27.26 4.36
C GLY C 272 -8.66 26.03 4.36
N LEU C 273 -7.38 26.23 4.07
CA LEU C 273 -6.44 25.13 3.98
C LEU C 273 -5.13 25.41 4.73
N ASP C 274 -4.55 24.33 5.26
CA ASP C 274 -3.28 24.42 5.95
C ASP C 274 -2.31 23.36 5.43
N ILE C 275 -1.27 23.82 4.77
CA ILE C 275 -0.25 22.93 4.25
C ILE C 275 0.92 23.11 5.21
N MET C 276 0.78 22.52 6.39
CA MET C 276 1.78 22.65 7.43
C MET C 276 2.84 21.57 7.48
N GLU C 277 3.87 21.87 8.28
CA GLU C 277 5.01 20.99 8.58
C GLU C 277 6.05 20.58 7.54
N VAL C 278 6.10 21.24 6.38
CA VAL C 278 7.11 20.88 5.38
C VAL C 278 8.46 21.51 5.72
N ASN C 279 9.45 20.68 6.06
CA ASN C 279 10.77 21.15 6.45
C ASN C 279 11.92 20.75 5.50
N PRO C 280 12.17 21.56 4.45
CA PRO C 280 13.20 21.35 3.42
C PRO C 280 14.59 20.94 3.87
N THR C 281 14.86 21.06 5.16
CA THR C 281 16.18 20.71 5.67
C THR C 281 16.28 19.35 6.35
N LEU C 282 15.16 18.63 6.44
CA LEU C 282 15.18 17.32 7.09
C LEU C 282 15.27 16.11 6.15
N GLY C 283 15.49 16.35 4.86
CA GLY C 283 15.60 15.26 3.93
C GLY C 283 16.98 14.64 3.80
N LYS C 284 17.10 13.34 4.09
CA LYS C 284 18.36 12.61 4.00
C LYS C 284 19.03 12.72 2.64
N THR C 285 18.25 13.07 1.61
CA THR C 285 18.78 13.25 0.27
C THR C 285 17.91 14.27 -0.45
N PRO C 286 18.47 14.97 -1.45
CA PRO C 286 17.66 15.96 -2.17
C PRO C 286 16.36 15.33 -2.59
N GLU C 287 16.43 14.10 -3.07
CA GLU C 287 15.24 13.37 -3.50
C GLU C 287 14.10 13.51 -2.49
N GLU C 288 14.35 13.03 -1.28
CA GLU C 288 13.34 13.06 -0.24
C GLU C 288 12.66 14.40 -0.10
N VAL C 289 13.43 15.48 -0.04
CA VAL C 289 12.83 16.80 0.10
C VAL C 289 11.91 17.10 -1.09
N THR C 290 12.39 16.81 -2.29
CA THR C 290 11.63 17.02 -3.53
C THR C 290 10.36 16.19 -3.50
N ARG C 291 10.51 14.94 -3.06
CA ARG C 291 9.37 14.03 -2.96
C ARG C 291 8.29 14.69 -2.09
N THR C 292 8.73 15.15 -0.92
CA THR C 292 7.88 15.78 0.07
C THR C 292 7.22 17.09 -0.35
N VAL C 293 7.99 17.99 -0.96
CA VAL C 293 7.46 19.28 -1.41
C VAL C 293 6.45 19.10 -2.52
N ASN C 294 6.71 18.10 -3.36
CA ASN C 294 5.82 17.84 -4.47
C ASN C 294 4.50 17.23 -4.05
N THR C 295 4.49 16.24 -3.16
CA THR C 295 3.21 15.69 -2.78
C THR C 295 2.40 16.74 -2.04
N ALA C 296 3.08 17.63 -1.31
CA ALA C 296 2.39 18.69 -0.58
C ALA C 296 1.70 19.55 -1.63
N VAL C 297 2.48 19.95 -2.63
CA VAL C 297 1.94 20.76 -3.71
C VAL C 297 0.73 20.03 -4.28
N ALA C 298 0.99 18.85 -4.84
CA ALA C 298 -0.05 18.01 -5.43
C ALA C 298 -1.29 17.89 -4.58
N LEU C 299 -1.13 17.70 -3.28
CA LEU C 299 -2.28 17.58 -2.41
C LEU C 299 -3.09 18.87 -2.46
N THR C 300 -2.40 20.00 -2.50
CA THR C 300 -3.06 21.30 -2.53
C THR C 300 -3.90 21.47 -3.81
N LEU C 301 -3.30 21.14 -4.96
CA LEU C 301 -4.01 21.24 -6.26
C LEU C 301 -5.23 20.33 -6.33
N SER C 302 -5.21 19.25 -5.53
CA SER C 302 -6.29 18.30 -5.48
C SER C 302 -7.48 18.96 -4.82
N CYS C 303 -7.18 19.74 -3.79
CA CYS C 303 -8.19 20.46 -3.03
C CYS C 303 -8.94 21.45 -3.90
N PHE C 304 -8.28 21.88 -4.98
CA PHE C 304 -8.87 22.85 -5.88
C PHE C 304 -9.07 22.37 -7.30
N GLY C 305 -9.65 21.18 -7.49
CA GLY C 305 -9.91 20.71 -8.83
C GLY C 305 -9.15 19.54 -9.38
N THR C 306 -7.86 19.71 -9.66
CA THR C 306 -7.01 18.64 -10.23
C THR C 306 -7.47 17.24 -9.87
N LYS C 307 -8.04 16.54 -10.85
CA LYS C 307 -8.51 15.17 -10.67
C LYS C 307 -7.60 14.19 -11.38
N ARG C 308 -7.48 13.00 -10.84
CA ARG C 308 -6.62 12.01 -11.44
C ARG C 308 -7.17 11.50 -12.78
N GLU C 309 -8.49 11.43 -12.88
CA GLU C 309 -9.11 10.97 -14.12
C GLU C 309 -8.79 11.98 -15.22
N GLY C 310 -8.32 13.16 -14.82
CA GLY C 310 -7.99 14.18 -15.81
C GLY C 310 -8.99 15.33 -15.87
N ASN C 311 -8.55 16.45 -16.44
CA ASN C 311 -9.40 17.64 -16.56
C ASN C 311 -9.29 18.28 -17.94
N HIS C 312 -10.39 18.91 -18.38
CA HIS C 312 -10.44 19.61 -19.66
C HIS C 312 -11.25 20.88 -19.48
N LYS C 313 -10.87 21.94 -20.20
CA LYS C 313 -11.56 23.22 -20.11
C LYS C 313 -12.97 23.27 -20.73
N PRO C 314 -13.99 23.70 -19.95
CA PRO C 314 -15.38 23.79 -20.45
C PRO C 314 -15.50 24.51 -21.75
N GLU C 315 -16.61 24.31 -22.46
CA GLU C 315 -16.88 25.01 -23.72
C GLU C 315 -15.82 24.90 -24.81
N THR C 316 -14.86 24.01 -24.63
CA THR C 316 -13.82 23.83 -25.63
C THR C 316 -13.95 22.43 -26.22
N ASP C 317 -14.14 22.38 -27.54
CA ASP C 317 -14.27 21.12 -28.27
C ASP C 317 -12.89 20.74 -28.80
N TYR C 318 -12.21 19.84 -28.08
CA TYR C 318 -10.87 19.43 -28.45
C TYR C 318 -10.81 18.61 -29.74
N LEU C 319 -11.96 18.36 -30.34
CA LEU C 319 -12.00 17.60 -31.60
C LEU C 319 -12.30 18.56 -32.76
MN MN D . 0.29 3.04 -22.90
MN MN E . 1.17 4.57 -19.84
O01 SDC F . 1.34 11.46 -25.72
NP2 SDC F . -0.55 12.74 -22.93
C03 SDC F . 0.65 11.97 -23.38
C04 SDC F . 1.01 12.25 -24.87
O05 SDC F . 0.88 13.57 -25.10
C06 SDC F . 0.29 10.50 -23.11
S07 SDC F . 1.84 9.63 -22.82
C08 SDC F . 1.28 7.92 -23.26
C09 SDC F . 1.85 7.02 -22.15
S10 SDC F . 1.91 5.30 -22.67
O11 SDC F . 3.13 4.68 -22.38
N12 SDC F . 0.77 4.56 -21.74
O13 SDC F . 1.29 5.04 -23.95
MN MN G . 7.12 -20.14 8.72
MN MN H . 7.50 -17.95 6.01
O01 SDC I . 10.91 -25.76 2.95
NP2 SDC I . 8.73 -24.64 0.30
C03 SDC I . 9.77 -24.28 1.30
C04 SDC I . 10.56 -25.51 1.81
O05 SDC I . 10.82 -26.33 0.76
C06 SDC I . 9.01 -23.54 2.40
S07 SDC I . 10.16 -22.37 3.19
C08 SDC I . 9.33 -22.20 4.81
C09 SDC I . 9.34 -20.71 5.10
S10 SDC I . 9.11 -20.40 6.87
O11 SDC I . 10.05 -19.46 7.37
N12 SDC I . 7.66 -19.65 6.95
O13 SDC I . 8.79 -21.53 7.65
MN MN J . 0.27 18.61 13.67
MN MN K . 1.88 15.41 13.09
O01 SDC L . 4.12 17.55 21.61
NP2 SDC L . 2.92 14.18 21.84
C03 SDC L . 3.74 15.15 21.08
C04 SDC L . 4.11 16.39 21.94
O05 SDC L . 4.45 15.97 23.18
C06 SDC L . 2.91 15.50 19.84
S07 SDC L . 4.05 15.93 18.51
C08 SDC L . 2.91 16.97 17.50
C09 SDC L . 3.15 16.51 16.06
S10 SDC L . 2.58 17.75 14.91
O11 SDC L . 3.56 18.07 13.93
N12 SDC L . 1.37 17.02 14.10
O13 SDC L . 1.83 18.82 15.46
#